data_7WHG
#
_entry.id   7WHG
#
_cell.length_a   87.662
_cell.length_b   72.057
_cell.length_c   100.385
_cell.angle_alpha   90.000
_cell.angle_beta   92.080
_cell.angle_gamma   90.000
#
_symmetry.space_group_name_H-M   'P 1 21 1'
#
loop_
_entity.id
_entity.type
_entity.pdbx_description
1 polymer 'Actin, alpha skeletal muscle'
2 polymer 'Lokiarchaeota gelsolin (2DGel)'
3 non-polymer "ADENOSINE-5'-DIPHOSPHATE"
4 non-polymer 'CALCIUM ION'
#
loop_
_entity_poly.entity_id
_entity_poly.type
_entity_poly.pdbx_seq_one_letter_code
_entity_poly.pdbx_strand_id
1 'polypeptide(L)'
;MCDEDETTALVCDNGSGLVKAGFAGDDAPRAVFPSIVGRPRHQGVMVGMGQKDSYVGDEAQSKRGILTLKYPIE(HIC)G
IITNWDDMEKIWHHTFYNELRVAPEEHPTLLTEAPLNPKANREKMTQIMFETFNVPAMYVAIQAVLSLYASGRTTGIVLD
SGDGVTHNVPIYEGYALPHAIMRLDLAGRDLTDYLMKILTERGYSFVTTAEREIVRDIKEKLCYVALDFENEMATAASSS
SLEKSYELPDGQVITIGNERFRCPETLFQPSFIGMESAGIHETTYNSIMKCDIDIRKDLYANNVMSGGTTMYPGIADRMQ
KEITALAPSTMKIKIIAPPERKYSVWIGGSILASLSTFQQMWITKQEYDEAGPSIVHRKCF
;
A,B
2 'polypeptide(L)'
;MKLFLIVKGELKEIKKNIFSSGDVYLLDADKTIYVWIGNKCSVDEKTTGAAQARTLDQQRGGAAKIITIDQGFETKDFLK
LIAPMGAMKIVEKNYAKTLLVDVSTGDWAGFNEWKNILYRASSEEFDGINSMKMVQVGFNKSSLDSEDCFVADLGNKVYI
WQGKSSTVKERVKAGQWARSIDYDRAGLQQETIFEEGDDIEFMAALDRGENYKESDAVQLKAESVLEGEDEDDRIAKAIQ
PELKSVVKDVTPEEVKADITEARSSAAAPGIPGRIDTAILTIQKTEGRRRCPECNIDKPQMIHETVDKSNIILDYPRVYG
KKFKCGSCGVEWRER
;
G
#
loop_
_chem_comp.id
_chem_comp.type
_chem_comp.name
_chem_comp.formula
ADP non-polymer ADENOSINE-5'-DIPHOSPHATE 'C10 H15 N5 O10 P2'
CA non-polymer 'CALCIUM ION' 'Ca 2'
#
# COMPACT_ATOMS: atom_id res chain seq x y z
N GLU A 4 -38.62 15.67 20.62
CA GLU A 4 -38.02 15.02 19.45
C GLU A 4 -36.59 15.48 19.12
N ASP A 5 -35.65 14.57 19.31
CA ASP A 5 -34.23 14.74 18.95
C ASP A 5 -33.55 13.38 19.14
N GLU A 6 -32.22 13.39 19.15
CA GLU A 6 -31.43 12.19 19.44
C GLU A 6 -30.70 12.33 20.78
N THR A 7 -29.50 11.76 20.92
CA THR A 7 -28.79 11.72 22.20
C THR A 7 -27.36 12.26 22.10
N THR A 8 -26.87 12.80 23.21
CA THR A 8 -25.53 13.39 23.31
C THR A 8 -24.60 12.56 24.19
N ALA A 9 -23.34 12.40 23.78
CA ALA A 9 -22.44 11.48 24.45
C ALA A 9 -21.37 12.21 25.27
N LEU A 10 -20.80 11.51 26.25
CA LEU A 10 -19.86 12.08 27.20
C LEU A 10 -18.45 11.63 26.88
N VAL A 11 -17.49 12.52 27.11
CA VAL A 11 -16.09 12.16 26.90
C VAL A 11 -15.35 12.48 28.19
N CYS A 12 -14.64 11.48 28.71
CA CYS A 12 -13.94 11.65 29.97
C CYS A 12 -12.53 11.04 29.89
N ASP A 13 -11.50 11.91 29.88
CA ASP A 13 -10.08 11.55 29.91
C ASP A 13 -9.67 11.59 31.38
N ASN A 14 -9.41 10.42 31.93
CA ASN A 14 -9.03 10.28 33.33
C ASN A 14 -7.52 10.41 33.44
N GLY A 15 -7.04 11.66 33.51
CA GLY A 15 -5.61 11.89 33.45
C GLY A 15 -4.90 11.61 34.76
N SER A 16 -3.57 11.48 34.66
CA SER A 16 -2.77 11.23 35.86
C SER A 16 -2.88 12.40 36.81
N GLY A 17 -3.09 13.61 36.30
CA GLY A 17 -3.17 14.73 37.20
C GLY A 17 -4.41 15.55 37.04
N LEU A 18 -5.06 15.47 35.90
CA LEU A 18 -6.27 16.25 35.68
C LEU A 18 -7.32 15.39 35.01
N VAL A 19 -8.57 15.69 35.34
CA VAL A 19 -9.71 15.08 34.68
C VAL A 19 -10.20 16.06 33.63
N LYS A 20 -10.34 15.59 32.39
CA LYS A 20 -10.81 16.41 31.29
C LYS A 20 -12.10 15.79 30.79
N ALA A 21 -13.24 16.44 31.07
CA ALA A 21 -14.55 15.91 30.75
C ALA A 21 -15.37 16.97 30.06
N GLY A 22 -16.29 16.51 29.22
CA GLY A 22 -17.11 17.43 28.46
C GLY A 22 -18.01 16.65 27.54
N PHE A 23 -18.63 17.36 26.60
CA PHE A 23 -19.56 16.70 25.70
C PHE A 23 -18.95 16.45 24.33
N ALA A 24 -19.45 15.40 23.68
CA ALA A 24 -18.99 15.08 22.33
C ALA A 24 -19.48 16.14 21.36
N GLY A 25 -18.60 16.58 20.50
CA GLY A 25 -18.97 17.61 19.56
C GLY A 25 -18.37 18.95 19.93
N ASP A 26 -18.27 19.23 21.22
CA ASP A 26 -17.64 20.47 21.69
C ASP A 26 -16.16 20.46 21.32
N ASP A 27 -15.57 21.65 21.19
CA ASP A 27 -14.14 21.71 20.88
C ASP A 27 -13.28 21.69 22.13
N ALA A 28 -13.85 21.54 23.32
CA ALA A 28 -13.05 21.65 24.52
C ALA A 28 -13.82 21.08 25.68
N PRO A 29 -13.11 20.49 26.64
CA PRO A 29 -13.77 19.93 27.83
C PRO A 29 -14.34 21.03 28.71
N ARG A 30 -15.63 20.93 29.04
CA ARG A 30 -16.22 21.93 29.92
C ARG A 30 -15.58 21.89 31.30
N ALA A 31 -15.25 20.70 31.79
CA ALA A 31 -14.71 20.51 33.13
C ALA A 31 -13.25 20.03 33.09
N VAL A 32 -12.38 20.74 33.81
CA VAL A 32 -10.97 20.34 34.01
C VAL A 32 -10.63 20.53 35.49
N PHE A 33 -10.26 19.45 36.17
CA PHE A 33 -10.06 19.57 37.62
C PHE A 33 -9.05 18.56 38.12
N PRO A 34 -8.42 18.81 39.27
CA PRO A 34 -7.35 17.92 39.73
C PRO A 34 -7.87 16.53 40.03
N SER A 35 -7.11 15.54 39.59
CA SER A 35 -7.41 14.13 39.82
C SER A 35 -6.90 13.76 41.21
N ILE A 36 -7.59 14.30 42.20
CA ILE A 36 -7.14 14.24 43.59
C ILE A 36 -8.34 13.95 44.49
N VAL A 37 -8.14 13.15 45.53
CA VAL A 37 -9.17 12.87 46.51
C VAL A 37 -8.59 13.09 47.90
N GLY A 38 -9.25 13.89 48.72
CA GLY A 38 -8.75 14.21 50.05
C GLY A 38 -9.70 13.72 51.13
N ARG A 39 -9.13 13.15 52.19
CA ARG A 39 -9.91 12.68 53.32
C ARG A 39 -9.36 13.23 54.62
N PRO A 40 -10.22 13.49 55.62
CA PRO A 40 -9.79 14.22 56.82
C PRO A 40 -8.56 13.65 57.54
N ARG A 41 -7.85 14.57 58.18
CA ARG A 41 -6.65 14.27 58.96
C ARG A 41 -6.91 13.18 60.00
N HIS A 42 -7.85 13.43 60.91
CA HIS A 42 -8.24 12.43 61.88
C HIS A 42 -9.72 12.55 62.15
N GLN A 43 -10.29 11.42 62.58
CA GLN A 43 -11.72 11.29 62.78
C GLN A 43 -12.30 12.40 63.65
N GLY A 44 -11.48 13.08 64.44
CA GLY A 44 -11.96 14.15 65.27
C GLY A 44 -12.71 15.21 64.48
N VAL A 45 -12.46 15.25 63.17
CA VAL A 45 -12.97 16.36 62.40
C VAL A 45 -14.39 16.12 61.92
N MET A 46 -14.67 14.90 61.46
CA MET A 46 -15.98 14.59 60.89
C MET A 46 -17.02 14.23 61.93
N VAL A 47 -16.78 14.53 63.20
CA VAL A 47 -17.72 14.16 64.25
C VAL A 47 -19.03 14.90 64.04
N GLY A 48 -19.00 16.23 64.20
CA GLY A 48 -20.22 17.01 64.09
C GLY A 48 -21.00 16.75 62.82
N MET A 49 -20.31 16.25 61.79
CA MET A 49 -20.76 16.39 60.41
C MET A 49 -21.40 17.77 60.25
N GLY A 50 -20.61 18.84 60.40
CA GLY A 50 -19.21 18.79 60.82
C GLY A 50 -18.23 18.92 59.69
N GLN A 51 -17.75 17.78 59.19
CA GLN A 51 -16.99 17.73 57.95
C GLN A 51 -17.54 16.61 57.09
N LYS A 52 -17.01 16.47 55.87
CA LYS A 52 -17.52 15.46 54.96
C LYS A 52 -16.57 14.28 54.85
N ASP A 53 -17.11 13.16 54.37
CA ASP A 53 -16.35 11.92 54.28
C ASP A 53 -15.07 12.10 53.46
N SER A 54 -15.11 12.97 52.45
CA SER A 54 -14.06 13.08 51.44
C SER A 54 -14.34 14.27 50.52
N TYR A 55 -13.27 14.85 49.95
CA TYR A 55 -13.37 15.99 49.05
C TYR A 55 -12.62 15.68 47.75
N VAL A 56 -13.08 16.28 46.63
CA VAL A 56 -12.53 15.95 45.31
C VAL A 56 -12.09 17.19 44.56
N GLY A 57 -10.88 17.13 44.01
CA GLY A 57 -10.46 18.09 43.01
C GLY A 57 -10.10 19.41 43.61
N ASP A 58 -10.66 20.48 43.05
CA ASP A 58 -10.26 21.81 43.48
C ASP A 58 -10.52 22.01 44.97
N GLU A 59 -11.67 21.54 45.48
CA GLU A 59 -11.97 21.73 46.91
C GLU A 59 -10.97 21.00 47.80
N ALA A 60 -10.51 19.82 47.37
CA ALA A 60 -9.48 19.12 48.14
C ALA A 60 -8.21 19.93 48.20
N GLN A 61 -7.76 20.43 47.04
CA GLN A 61 -6.62 21.34 47.00
C GLN A 61 -6.85 22.54 47.91
N SER A 62 -8.09 23.01 48.00
CA SER A 62 -8.42 24.14 48.84
C SER A 62 -8.40 23.81 50.33
N LYS A 63 -8.55 22.52 50.70
CA LYS A 63 -8.71 22.17 52.11
C LYS A 63 -7.57 21.31 52.67
N ARG A 64 -6.41 21.21 52.00
CA ARG A 64 -5.26 20.44 52.50
C ARG A 64 -4.92 20.75 53.96
N GLY A 65 -4.10 19.95 54.60
CA GLY A 65 -3.68 20.17 55.97
C GLY A 65 -4.65 19.61 56.98
N ILE A 66 -5.94 19.72 56.69
CA ILE A 66 -6.94 18.86 57.35
C ILE A 66 -7.21 17.61 56.53
N LEU A 67 -6.86 17.59 55.24
CA LEU A 67 -7.05 16.42 54.41
C LEU A 67 -5.70 15.80 54.07
N THR A 68 -5.65 14.47 54.19
CA THR A 68 -4.68 13.66 53.47
C THR A 68 -5.12 13.57 52.02
N LEU A 69 -4.28 14.04 51.11
CA LEU A 69 -4.59 14.03 49.68
C LEU A 69 -3.99 12.78 49.05
N LYS A 70 -4.72 12.21 48.11
CA LYS A 70 -4.27 11.05 47.35
C LYS A 70 -4.58 11.23 45.86
N TYR A 71 -3.74 10.61 45.00
CA TYR A 71 -3.95 10.55 43.55
C TYR A 71 -4.44 9.15 43.21
N PRO A 72 -5.68 8.97 42.78
CA PRO A 72 -6.11 7.62 42.44
C PRO A 72 -5.39 7.07 41.24
N ILE A 73 -5.06 7.95 40.30
CA ILE A 73 -4.50 7.59 39.00
C ILE A 73 -3.11 8.14 38.99
N GLU A 74 -2.34 7.82 40.01
CA GLU A 74 -1.05 8.51 40.15
C GLU A 74 -0.13 8.41 38.93
N HIC A 75 -0.21 7.29 38.21
CA HIC A 75 0.70 6.99 37.15
C HIC A 75 0.05 6.58 35.84
O HIC A 75 0.63 6.01 34.92
CB HIC A 75 1.65 5.89 37.65
CG HIC A 75 2.64 6.55 38.55
ND1 HIC A 75 3.05 6.08 39.83
CD2 HIC A 75 3.40 7.72 38.23
CE1 HIC A 75 3.97 6.96 40.28
NE2 HIC A 75 4.25 7.99 39.33
CZ HIC A 75 5.17 9.09 39.44
N GLY A 76 -1.24 6.92 35.75
CA GLY A 76 -2.03 6.70 34.54
C GLY A 76 -2.85 5.44 34.62
N ILE A 77 -2.47 4.63 35.60
CA ILE A 77 -3.11 3.36 35.93
C ILE A 77 -3.85 3.61 37.22
N ILE A 78 -5.15 3.25 37.24
CA ILE A 78 -5.96 3.50 38.42
C ILE A 78 -5.62 2.47 39.50
N THR A 79 -5.41 2.95 40.71
CA THR A 79 -4.96 2.08 41.79
C THR A 79 -5.89 2.11 43.00
N ASN A 80 -6.93 2.93 42.98
CA ASN A 80 -7.84 3.00 44.12
C ASN A 80 -9.24 3.27 43.62
N TRP A 81 -10.11 2.26 43.66
CA TRP A 81 -11.41 2.40 43.04
C TRP A 81 -12.43 3.18 43.87
N ASP A 82 -12.26 3.27 45.18
CA ASP A 82 -13.16 4.15 45.92
C ASP A 82 -12.88 5.61 45.55
N ASP A 83 -11.60 6.01 45.58
CA ASP A 83 -11.24 7.38 45.23
C ASP A 83 -11.56 7.66 43.76
N MET A 84 -11.34 6.68 42.89
CA MET A 84 -11.73 6.90 41.51
C MET A 84 -13.24 7.09 41.38
N GLU A 85 -14.03 6.34 42.16
CA GLU A 85 -15.49 6.50 42.11
C GLU A 85 -15.89 7.90 42.54
N LYS A 86 -15.26 8.42 43.61
CA LYS A 86 -15.51 9.80 44.02
C LYS A 86 -15.15 10.77 42.91
N ILE A 87 -14.06 10.50 42.20
CA ILE A 87 -13.65 11.35 41.09
C ILE A 87 -14.75 11.38 40.01
N TRP A 88 -15.17 10.19 39.59
CA TRP A 88 -16.16 10.08 38.52
C TRP A 88 -17.47 10.71 38.93
N HIS A 89 -17.91 10.43 40.16
CA HIS A 89 -19.11 11.04 40.72
C HIS A 89 -19.06 12.56 40.64
N HIS A 90 -17.95 13.12 41.09
CA HIS A 90 -17.77 14.55 40.99
C HIS A 90 -17.85 15.00 39.55
N THR A 91 -17.22 14.27 38.64
CA THR A 91 -17.24 14.63 37.22
C THR A 91 -18.68 14.72 36.72
N PHE A 92 -19.44 13.64 36.93
CA PHE A 92 -20.78 13.51 36.38
C PHE A 92 -21.74 14.52 36.97
N TYR A 93 -21.82 14.58 38.30
CA TYR A 93 -22.88 15.37 38.91
C TYR A 93 -22.49 16.82 39.19
N ASN A 94 -21.27 17.07 39.67
CA ASN A 94 -20.88 18.41 40.11
C ASN A 94 -20.40 19.27 38.94
N GLU A 95 -19.45 18.75 38.19
CA GLU A 95 -18.82 19.55 37.14
C GLU A 95 -19.66 19.55 35.87
N LEU A 96 -20.08 18.37 35.40
CA LEU A 96 -20.84 18.31 34.15
C LEU A 96 -22.34 18.48 34.36
N ARG A 97 -22.88 18.20 35.55
CA ARG A 97 -24.30 18.43 35.83
C ARG A 97 -25.18 17.64 34.87
N VAL A 98 -24.93 16.34 34.78
CA VAL A 98 -25.71 15.47 33.93
C VAL A 98 -26.05 14.22 34.72
N ALA A 99 -27.08 13.52 34.25
CA ALA A 99 -27.36 12.22 34.82
C ALA A 99 -26.77 11.18 33.88
N PRO A 100 -25.74 10.45 34.29
CA PRO A 100 -25.09 9.53 33.36
C PRO A 100 -25.99 8.41 32.87
N GLU A 101 -27.13 8.13 33.52
CA GLU A 101 -28.02 7.15 32.92
C GLU A 101 -28.53 7.60 31.57
N GLU A 102 -28.31 8.88 31.22
CA GLU A 102 -28.83 9.50 30.00
C GLU A 102 -27.78 9.75 28.92
N HIS A 103 -26.53 9.31 29.10
CA HIS A 103 -25.48 9.61 28.12
C HIS A 103 -24.50 8.45 27.93
N PRO A 104 -24.22 8.05 26.69
CA PRO A 104 -23.10 7.11 26.46
C PRO A 104 -21.78 7.77 26.83
N THR A 105 -20.89 6.97 27.42
CA THR A 105 -19.72 7.51 28.09
C THR A 105 -18.47 6.85 27.56
N LEU A 106 -17.63 7.63 26.87
CA LEU A 106 -16.33 7.17 26.40
C LEU A 106 -15.31 7.54 27.46
N LEU A 107 -14.63 6.55 28.02
CA LEU A 107 -13.53 6.82 28.93
C LEU A 107 -12.21 6.57 28.22
N THR A 108 -11.15 7.14 28.76
CA THR A 108 -9.81 6.92 28.24
C THR A 108 -8.97 6.20 29.29
N GLU A 109 -7.98 5.43 28.82
CA GLU A 109 -7.12 4.62 29.67
C GLU A 109 -5.67 4.80 29.22
N ALA A 110 -4.74 4.56 30.14
CA ALA A 110 -3.33 4.69 29.80
C ALA A 110 -2.88 3.54 28.90
N PRO A 111 -1.81 3.73 28.14
CA PRO A 111 -1.18 2.60 27.44
C PRO A 111 -0.81 1.51 28.42
N LEU A 112 -0.90 0.26 27.96
CA LEU A 112 -0.55 -0.90 28.79
C LEU A 112 -1.40 -0.97 30.05
N ASN A 113 -2.65 -0.61 29.94
CA ASN A 113 -3.55 -0.77 31.07
C ASN A 113 -3.83 -2.27 31.27
N PRO A 114 -3.75 -2.80 32.50
CA PRO A 114 -4.11 -4.21 32.68
C PRO A 114 -5.58 -4.45 32.35
N LYS A 115 -5.85 -5.62 31.74
CA LYS A 115 -7.21 -5.97 31.35
C LYS A 115 -8.13 -5.98 32.53
N ALA A 116 -7.67 -6.52 33.65
CA ALA A 116 -8.49 -6.52 34.84
C ALA A 116 -8.87 -5.10 35.22
N ASN A 117 -7.92 -4.18 35.07
CA ASN A 117 -8.20 -2.80 35.43
C ASN A 117 -9.31 -2.25 34.54
N ARG A 118 -9.24 -2.52 33.25
CA ARG A 118 -10.25 -1.99 32.34
C ARG A 118 -11.61 -2.62 32.55
N GLU A 119 -11.63 -3.91 32.92
CA GLU A 119 -12.87 -4.57 33.30
C GLU A 119 -13.47 -3.94 34.54
N LYS A 120 -12.63 -3.56 35.50
CA LYS A 120 -13.18 -2.88 36.66
C LYS A 120 -13.76 -1.53 36.27
N MET A 121 -13.08 -0.81 35.38
CA MET A 121 -13.64 0.46 34.91
C MET A 121 -15.04 0.23 34.34
N THR A 122 -15.16 -0.83 33.55
CA THR A 122 -16.43 -1.16 32.92
C THR A 122 -17.50 -1.47 33.95
N GLN A 123 -17.17 -2.39 34.87
CA GLN A 123 -18.15 -2.76 35.89
C GLN A 123 -18.65 -1.51 36.60
N ILE A 124 -17.74 -0.60 36.96
CA ILE A 124 -18.15 0.57 37.73
C ILE A 124 -19.10 1.42 36.92
N MET A 125 -18.76 1.68 35.66
CA MET A 125 -19.59 2.56 34.86
C MET A 125 -21.01 2.01 34.74
N PHE A 126 -21.12 0.70 34.44
CA PHE A 126 -22.43 0.15 34.19
C PHE A 126 -23.22 -0.08 35.46
N GLU A 127 -22.58 -0.63 36.51
CA GLU A 127 -23.27 -1.02 37.73
C GLU A 127 -23.49 0.14 38.68
N THR A 128 -22.66 1.16 38.64
CA THR A 128 -22.82 2.29 39.55
C THR A 128 -23.39 3.52 38.86
N PHE A 129 -23.23 3.67 37.56
CA PHE A 129 -23.79 4.85 36.93
C PHE A 129 -24.84 4.51 35.88
N ASN A 130 -25.11 3.21 35.66
CA ASN A 130 -26.16 2.79 34.72
C ASN A 130 -25.99 3.41 33.36
N VAL A 131 -24.73 3.67 32.98
CA VAL A 131 -24.49 4.30 31.69
C VAL A 131 -25.19 3.48 30.62
N PRO A 132 -25.85 4.14 29.66
CA PRO A 132 -26.49 3.38 28.58
C PRO A 132 -25.48 2.65 27.74
N ALA A 133 -24.34 3.29 27.50
CA ALA A 133 -23.28 2.74 26.68
C ALA A 133 -21.95 3.31 27.14
N MET A 134 -20.89 2.57 26.89
CA MET A 134 -19.58 3.08 27.25
C MET A 134 -18.57 2.48 26.28
N TYR A 135 -17.51 3.23 26.03
CA TYR A 135 -16.40 2.78 25.22
C TYR A 135 -15.14 3.21 25.93
N VAL A 136 -14.10 2.38 25.89
CA VAL A 136 -12.78 2.75 26.40
C VAL A 136 -11.85 2.88 25.21
N ALA A 137 -11.16 4.02 25.13
CA ALA A 137 -10.13 4.24 24.10
C ALA A 137 -8.77 4.47 24.77
N ILE A 138 -7.71 4.28 24.01
CA ILE A 138 -6.34 4.45 24.49
C ILE A 138 -5.92 5.90 24.22
N GLN A 139 -5.44 6.58 25.27
CA GLN A 139 -5.26 8.02 25.19
C GLN A 139 -4.43 8.43 23.97
N ALA A 140 -3.22 7.89 23.86
CA ALA A 140 -2.36 8.23 22.73
C ALA A 140 -3.05 7.99 21.38
N VAL A 141 -3.95 7.01 21.30
CA VAL A 141 -4.58 6.75 20.01
C VAL A 141 -5.51 7.91 19.66
N LEU A 142 -6.28 8.38 20.64
CA LEU A 142 -7.08 9.56 20.39
C LEU A 142 -6.20 10.75 20.01
N SER A 143 -5.02 10.85 20.63
CA SER A 143 -4.10 11.95 20.30
C SER A 143 -3.62 11.87 18.86
N LEU A 144 -3.19 10.70 18.43
CA LEU A 144 -2.78 10.55 17.05
C LEU A 144 -3.92 10.88 16.11
N TYR A 145 -5.11 10.30 16.37
CA TYR A 145 -6.29 10.55 15.55
C TYR A 145 -6.54 12.05 15.42
N ALA A 146 -6.45 12.77 16.52
CA ALA A 146 -6.61 14.21 16.44
C ALA A 146 -5.53 14.81 15.56
N SER A 147 -4.33 14.18 15.48
CA SER A 147 -3.34 14.77 14.57
C SER A 147 -3.69 14.55 13.11
N GLY A 148 -4.76 13.82 12.80
CA GLY A 148 -5.07 13.44 11.44
C GLY A 148 -4.52 12.10 11.02
N ARG A 149 -4.07 11.26 11.95
CA ARG A 149 -3.34 10.07 11.56
C ARG A 149 -3.88 8.83 12.25
N THR A 150 -3.62 7.68 11.62
CA THR A 150 -3.84 6.38 12.25
C THR A 150 -2.54 5.61 12.44
N THR A 151 -1.42 6.08 11.89
CA THR A 151 -0.14 5.44 12.10
C THR A 151 0.92 6.50 12.42
N GLY A 152 1.63 6.29 13.52
CA GLY A 152 2.67 7.20 13.98
C GLY A 152 3.08 6.76 15.37
N ILE A 153 3.99 7.52 15.99
CA ILE A 153 4.39 7.22 17.38
C ILE A 153 4.18 8.45 18.23
N VAL A 154 3.37 8.31 19.26
CA VAL A 154 2.95 9.43 20.09
C VAL A 154 3.87 9.50 21.29
N LEU A 155 4.24 10.75 21.65
CA LEU A 155 4.92 11.04 22.89
C LEU A 155 3.92 11.81 23.77
N ASP A 156 3.36 11.14 24.81
CA ASP A 156 2.32 11.74 25.68
C ASP A 156 2.97 12.01 27.03
N SER A 157 3.25 13.29 27.29
CA SER A 157 3.78 13.75 28.56
C SER A 157 2.71 14.57 29.27
N GLY A 158 2.29 14.10 30.44
CA GLY A 158 1.15 14.69 31.13
C GLY A 158 1.54 15.23 32.47
N ASP A 159 0.77 14.86 33.48
CA ASP A 159 1.04 15.34 34.83
C ASP A 159 2.03 14.47 35.61
N GLY A 160 1.86 13.16 35.61
CA GLY A 160 2.69 12.31 36.46
C GLY A 160 3.44 11.17 35.80
N VAL A 161 3.18 10.96 34.50
CA VAL A 161 3.71 9.87 33.68
C VAL A 161 3.87 10.33 32.23
N THR A 162 4.86 9.75 31.54
CA THR A 162 5.13 9.97 30.12
C THR A 162 5.25 8.66 29.36
N HIS A 163 4.69 8.60 28.15
CA HIS A 163 4.64 7.38 27.36
C HIS A 163 5.12 7.65 25.94
N ASN A 164 5.85 6.68 25.39
CA ASN A 164 5.96 6.51 23.96
C ASN A 164 5.07 5.36 23.56
N VAL A 165 4.25 5.59 22.54
CA VAL A 165 3.28 4.61 22.08
C VAL A 165 3.41 4.59 20.57
N PRO A 166 3.83 3.47 19.96
CA PRO A 166 3.79 3.41 18.49
C PRO A 166 2.48 2.78 18.05
N ILE A 167 1.92 3.28 16.96
CA ILE A 167 0.58 2.85 16.55
C ILE A 167 0.59 2.61 15.05
N TYR A 168 0.12 1.44 14.64
CA TYR A 168 0.07 1.10 13.24
C TYR A 168 -1.35 0.76 12.88
N GLU A 169 -1.90 1.50 11.94
CA GLU A 169 -3.27 1.29 11.51
C GLU A 169 -4.23 1.31 12.69
N GLY A 170 -3.96 2.21 13.64
CA GLY A 170 -4.91 2.44 14.68
C GLY A 170 -4.81 1.52 15.88
N TYR A 171 -3.82 0.62 15.91
CA TYR A 171 -3.66 -0.31 17.04
C TYR A 171 -2.30 -0.07 17.67
N ALA A 172 -2.27 0.06 19.00
CA ALA A 172 -1.00 0.26 19.68
C ALA A 172 -0.21 -1.05 19.75
N LEU A 173 1.12 -0.91 19.76
CA LEU A 173 2.04 -2.05 19.77
C LEU A 173 2.58 -2.14 21.18
N PRO A 174 1.94 -2.91 22.06
CA PRO A 174 2.33 -2.84 23.48
C PRO A 174 3.76 -3.33 23.77
N HIS A 175 4.38 -4.13 22.90
CA HIS A 175 5.77 -4.56 23.14
C HIS A 175 6.76 -3.41 23.08
N ALA A 176 6.39 -2.34 22.38
CA ALA A 176 7.26 -1.22 22.10
C ALA A 176 6.82 0.01 22.86
N ILE A 177 5.92 -0.15 23.82
CA ILE A 177 5.46 0.98 24.61
C ILE A 177 6.46 1.25 25.71
N MET A 178 6.77 2.52 25.90
CA MET A 178 7.83 2.94 26.80
C MET A 178 7.24 3.87 27.83
N ARG A 179 7.55 3.62 29.09
CA ARG A 179 6.97 4.42 30.15
C ARG A 179 8.09 5.13 30.92
N LEU A 180 7.83 6.37 31.30
CA LEU A 180 8.76 7.17 32.08
C LEU A 180 7.96 7.91 33.14
N ASP A 181 8.24 7.64 34.41
CA ASP A 181 7.40 8.15 35.50
C ASP A 181 7.82 9.55 35.93
N LEU A 182 8.03 10.39 34.92
CA LEU A 182 8.45 11.76 35.08
C LEU A 182 7.54 12.65 34.23
N ALA A 183 7.10 13.77 34.77
CA ALA A 183 6.21 14.57 33.94
C ALA A 183 6.02 15.97 34.51
N GLY A 184 4.94 16.62 34.11
CA GLY A 184 4.75 18.02 34.46
C GLY A 184 4.93 18.28 35.95
N ARG A 185 4.35 17.43 36.81
CA ARG A 185 4.41 17.74 38.23
C ARG A 185 5.84 17.64 38.76
N ASP A 186 6.61 16.64 38.29
CA ASP A 186 8.01 16.54 38.72
C ASP A 186 8.80 17.78 38.26
N LEU A 187 8.45 18.31 37.09
CA LEU A 187 9.04 19.56 36.62
C LEU A 187 8.64 20.76 37.50
N THR A 188 7.39 20.82 37.93
CA THR A 188 7.01 21.91 38.83
C THR A 188 7.82 21.84 40.12
N ASP A 189 7.89 20.64 40.72
CA ASP A 189 8.62 20.46 41.95
C ASP A 189 10.08 20.85 41.79
N TYR A 190 10.71 20.41 40.69
CA TYR A 190 12.10 20.74 40.45
C TYR A 190 12.28 22.26 40.24
N LEU A 191 11.38 22.88 39.48
CA LEU A 191 11.49 24.33 39.29
C LEU A 191 11.41 25.03 40.62
N MET A 192 10.54 24.54 41.49
CA MET A 192 10.35 25.08 42.82
C MET A 192 11.66 25.06 43.59
N LYS A 193 12.36 23.91 43.54
CA LYS A 193 13.67 23.79 44.19
C LYS A 193 14.69 24.77 43.61
N ILE A 194 14.81 24.80 42.28
CA ILE A 194 15.89 25.62 41.72
C ILE A 194 15.61 27.10 41.94
N LEU A 195 14.34 27.49 42.02
CA LEU A 195 14.05 28.86 42.39
C LEU A 195 14.43 29.11 43.84
N THR A 196 14.11 28.16 44.73
CA THR A 196 14.62 28.22 46.10
C THR A 196 16.13 28.46 46.13
N GLU A 197 16.85 27.97 45.13
CA GLU A 197 18.30 28.14 45.15
C GLU A 197 18.77 29.52 44.66
N ARG A 198 17.84 30.43 44.40
CA ARG A 198 18.13 31.75 43.89
C ARG A 198 17.84 32.83 44.92
N GLY A 199 17.36 32.44 46.10
CA GLY A 199 16.90 33.38 47.09
C GLY A 199 15.44 33.18 47.41
N TYR A 200 14.61 33.07 46.38
CA TYR A 200 13.19 32.86 46.57
C TYR A 200 12.94 31.59 47.38
N SER A 201 11.74 31.48 47.90
CA SER A 201 11.43 30.30 48.71
C SER A 201 9.97 29.93 48.46
N PHE A 202 9.77 28.80 47.80
CA PHE A 202 8.44 28.28 47.55
C PHE A 202 8.31 26.94 48.27
N VAL A 203 7.33 26.86 49.15
CA VAL A 203 7.12 25.69 50.00
C VAL A 203 5.65 25.55 50.38
N THR A 204 4.94 26.68 50.51
CA THR A 204 3.51 26.62 50.76
C THR A 204 2.81 26.16 49.48
N THR A 205 1.62 25.59 49.63
CA THR A 205 0.90 25.12 48.45
C THR A 205 0.58 26.28 47.50
N ALA A 206 0.16 27.43 48.03
CA ALA A 206 -0.11 28.58 47.16
C ALA A 206 1.14 28.98 46.37
N GLU A 207 2.31 28.88 47.00
CA GLU A 207 3.54 29.16 46.28
C GLU A 207 3.80 28.10 45.21
N ARG A 208 3.27 26.88 45.38
CA ARG A 208 3.44 25.88 44.34
C ARG A 208 2.54 26.18 43.14
N GLU A 209 1.32 26.64 43.38
CA GLU A 209 0.51 27.11 42.25
C GLU A 209 1.20 28.24 41.52
N ILE A 210 1.81 29.17 42.26
CA ILE A 210 2.55 30.24 41.58
C ILE A 210 3.68 29.64 40.77
N VAL A 211 4.32 28.58 41.27
CA VAL A 211 5.42 28.00 40.50
C VAL A 211 4.90 27.36 39.22
N ARG A 212 3.79 26.60 39.31
CA ARG A 212 3.15 26.08 38.10
C ARG A 212 2.89 27.18 37.10
N ASP A 213 2.40 28.32 37.57
CA ASP A 213 2.18 29.39 36.62
C ASP A 213 3.49 29.86 35.99
N ILE A 214 4.55 30.01 36.80
CA ILE A 214 5.82 30.47 36.25
C ILE A 214 6.34 29.50 35.21
N LYS A 215 6.28 28.21 35.51
CA LYS A 215 6.61 27.17 34.54
C LYS A 215 5.83 27.33 33.26
N GLU A 216 4.48 27.23 33.34
CA GLU A 216 3.65 27.21 32.15
C GLU A 216 3.75 28.49 31.35
N LYS A 217 4.21 29.59 31.97
CA LYS A 217 4.28 30.88 31.30
C LYS A 217 5.67 31.26 30.82
N LEU A 218 6.73 30.86 31.51
CA LEU A 218 8.07 31.34 31.23
C LEU A 218 9.06 30.29 30.76
N CYS A 219 8.88 29.04 31.14
CA CYS A 219 9.85 28.00 30.81
C CYS A 219 9.83 27.66 29.33
N TYR A 220 10.97 27.16 28.86
CA TYR A 220 11.15 26.75 27.47
C TYR A 220 12.27 25.72 27.38
N VAL A 221 12.29 24.96 26.29
CA VAL A 221 13.23 23.84 26.07
C VAL A 221 14.40 24.34 25.24
N ALA A 222 15.60 24.32 25.81
CA ALA A 222 16.72 24.83 25.05
C ALA A 222 17.05 23.89 23.92
N LEU A 223 17.35 24.46 22.75
CA LEU A 223 17.77 23.62 21.63
C LEU A 223 19.15 23.02 21.89
N ASP A 224 20.10 23.81 22.39
CA ASP A 224 21.40 23.28 22.84
C ASP A 224 21.69 23.78 24.25
N PHE A 225 21.65 22.85 25.23
CA PHE A 225 21.66 23.20 26.65
C PHE A 225 22.97 23.84 27.09
N GLU A 226 24.09 23.37 26.55
CA GLU A 226 25.38 23.95 26.90
C GLU A 226 25.45 25.40 26.44
N ASN A 227 25.11 25.61 25.17
CA ASN A 227 25.17 26.96 24.66
C ASN A 227 24.21 27.86 25.37
N GLU A 228 22.99 27.38 25.64
CA GLU A 228 22.01 28.27 26.27
C GLU A 228 22.44 28.60 27.68
N MET A 229 23.02 27.63 28.39
CA MET A 229 23.51 27.95 29.72
C MET A 229 24.59 29.01 29.63
N ALA A 230 25.48 28.90 28.64
CA ALA A 230 26.54 29.90 28.50
C ALA A 230 25.96 31.29 28.20
N THR A 231 24.99 31.36 27.29
CA THR A 231 24.37 32.65 26.97
C THR A 231 23.71 33.25 28.19
N ALA A 232 23.02 32.44 28.98
CA ALA A 232 22.35 32.97 30.17
C ALA A 232 23.34 33.38 31.23
N ALA A 233 24.52 32.77 31.26
CA ALA A 233 25.55 33.11 32.23
C ALA A 233 26.39 34.34 31.85
N SER A 234 26.51 34.69 30.56
CA SER A 234 27.35 35.84 30.20
C SER A 234 26.55 37.10 29.87
N SER A 235 25.22 37.01 29.81
CA SER A 235 24.35 38.18 29.55
C SER A 235 23.00 38.03 30.22
N SER A 236 22.16 39.02 29.97
CA SER A 236 20.80 39.06 30.51
C SER A 236 19.75 38.80 29.44
N SER A 237 20.12 38.28 28.26
CA SER A 237 19.13 38.09 27.20
C SER A 237 18.04 37.15 27.64
N LEU A 238 18.39 36.15 28.44
CA LEU A 238 17.44 35.10 28.72
C LEU A 238 16.65 35.35 29.97
N GLU A 239 16.91 36.45 30.65
CA GLU A 239 16.20 36.72 31.88
C GLU A 239 14.80 37.18 31.58
N LYS A 240 13.93 36.97 32.55
CA LYS A 240 12.56 37.43 32.39
C LYS A 240 11.96 37.60 33.78
N SER A 241 11.00 38.51 33.87
CA SER A 241 10.45 38.94 35.15
C SER A 241 9.01 38.45 35.28
N TYR A 242 8.66 38.04 36.48
CA TYR A 242 7.33 37.50 36.77
C TYR A 242 6.81 38.22 37.98
N GLU A 243 5.61 38.78 37.86
CA GLU A 243 5.00 39.56 38.93
C GLU A 243 4.12 38.61 39.74
N LEU A 244 4.42 38.49 41.04
CA LEU A 244 3.61 37.69 41.96
C LEU A 244 2.23 38.32 42.13
N PRO A 245 1.31 37.69 42.88
CA PRO A 245 0.00 38.34 43.06
C PRO A 245 0.06 39.63 43.88
N ASP A 246 0.87 39.67 44.96
CA ASP A 246 1.08 40.88 45.76
C ASP A 246 1.81 42.06 44.96
N GLY A 247 2.03 42.01 43.65
CA GLY A 247 2.72 43.07 42.95
C GLY A 247 4.23 43.03 43.02
N GLN A 248 4.80 42.07 43.72
CA GLN A 248 6.25 41.91 43.72
C GLN A 248 6.72 41.23 42.42
N VAL A 249 7.80 41.77 41.85
CA VAL A 249 8.41 41.20 40.65
C VAL A 249 9.62 40.38 41.09
N ILE A 250 9.83 39.24 40.43
CA ILE A 250 11.07 38.47 40.54
C ILE A 250 11.61 38.20 39.14
N THR A 251 12.85 37.77 39.10
CA THR A 251 13.57 37.61 37.85
C THR A 251 14.16 36.21 37.83
N ILE A 252 13.89 35.50 36.74
CA ILE A 252 14.37 34.13 36.58
C ILE A 252 15.15 34.07 35.27
N GLY A 253 16.24 33.31 35.29
CA GLY A 253 17.13 33.24 34.15
C GLY A 253 17.29 31.82 33.63
N ASN A 254 18.36 31.12 34.02
CA ASN A 254 18.56 29.79 33.46
C ASN A 254 17.48 28.82 33.91
N GLU A 255 16.81 29.13 35.02
CA GLU A 255 15.72 28.28 35.48
C GLU A 255 14.73 28.04 34.35
N ARG A 256 14.46 29.08 33.54
CA ARG A 256 13.46 28.96 32.50
C ARG A 256 13.66 27.74 31.62
N PHE A 257 14.91 27.31 31.38
CA PHE A 257 15.08 26.12 30.58
C PHE A 257 15.74 24.97 31.32
N ARG A 258 16.25 25.19 32.55
CA ARG A 258 16.73 24.04 33.30
C ARG A 258 15.55 23.17 33.73
N CYS A 259 14.41 23.79 33.97
CA CYS A 259 13.23 23.04 34.39
C CYS A 259 12.78 22.01 33.35
N PRO A 260 12.45 22.38 32.11
CA PRO A 260 12.06 21.32 31.16
C PRO A 260 13.24 20.50 30.69
N GLU A 261 14.47 20.95 30.93
CA GLU A 261 15.63 20.15 30.53
C GLU A 261 15.58 18.77 31.16
N THR A 262 14.93 18.66 32.31
CA THR A 262 14.74 17.38 32.98
C THR A 262 14.15 16.31 32.08
N LEU A 263 13.26 16.70 31.15
CA LEU A 263 12.68 15.75 30.22
C LEU A 263 13.74 15.00 29.45
N PHE A 264 14.83 15.69 29.12
CA PHE A 264 15.93 15.07 28.39
C PHE A 264 17.05 14.54 29.29
N GLN A 265 17.16 15.08 30.48
CA GLN A 265 18.14 14.60 31.44
C GLN A 265 17.41 14.32 32.74
N PRO A 266 16.78 13.16 32.87
CA PRO A 266 16.10 12.84 34.13
C PRO A 266 17.02 12.86 35.34
N SER A 267 18.33 12.70 35.16
CA SER A 267 19.26 12.77 36.29
C SER A 267 19.09 14.03 37.14
N PHE A 268 18.49 15.10 36.59
CA PHE A 268 18.29 16.36 37.31
C PHE A 268 17.40 16.19 38.54
N ILE A 269 16.44 15.27 38.48
CA ILE A 269 15.61 15.04 39.64
C ILE A 269 16.03 13.77 40.34
N GLY A 270 17.23 13.29 40.06
CA GLY A 270 17.71 12.07 40.66
C GLY A 270 17.11 10.82 40.09
N MET A 271 16.59 10.85 38.88
CA MET A 271 16.16 9.61 38.26
C MET A 271 17.28 9.05 37.42
N GLU A 272 17.52 7.78 37.62
CA GLU A 272 18.43 7.01 36.81
C GLU A 272 17.56 6.46 35.69
N SER A 273 17.54 7.18 34.57
CA SER A 273 16.67 6.84 33.44
C SER A 273 17.06 7.67 32.24
N ALA A 274 16.35 7.44 31.14
CA ALA A 274 16.72 8.05 29.89
C ALA A 274 15.67 9.08 29.54
N GLY A 275 16.14 10.17 28.89
CA GLY A 275 15.26 11.24 28.47
C GLY A 275 14.35 10.83 27.34
N ILE A 276 13.35 11.67 27.11
CA ILE A 276 12.29 11.33 26.17
C ILE A 276 12.80 11.07 24.76
N HIS A 277 13.85 11.78 24.31
CA HIS A 277 14.44 11.50 23.01
C HIS A 277 14.96 10.06 22.94
N GLU A 278 15.69 9.64 23.96
CA GLU A 278 16.24 8.30 23.99
C GLU A 278 15.12 7.25 23.97
N THR A 279 14.09 7.42 24.82
CA THR A 279 13.02 6.43 24.90
C THR A 279 12.20 6.44 23.62
N THR A 280 11.98 7.61 23.02
CA THR A 280 11.33 7.61 21.71
C THR A 280 12.09 6.71 20.77
N TYR A 281 13.41 6.88 20.75
CA TYR A 281 14.23 6.04 19.88
C TYR A 281 14.04 4.56 20.23
N ASN A 282 14.19 4.21 21.52
CA ASN A 282 14.13 2.81 21.97
C ASN A 282 12.80 2.17 21.62
N SER A 283 11.73 2.93 21.72
CA SER A 283 10.43 2.45 21.27
C SER A 283 10.43 2.18 19.76
N ILE A 284 10.91 3.15 18.98
CA ILE A 284 10.88 2.95 17.54
C ILE A 284 11.66 1.70 17.17
N MET A 285 12.79 1.50 17.85
CA MET A 285 13.62 0.33 17.56
C MET A 285 12.92 -0.95 17.94
N LYS A 286 12.00 -0.93 18.92
CA LYS A 286 11.31 -2.17 19.25
C LYS A 286 10.23 -2.54 18.26
N CYS A 287 10.05 -1.77 17.19
CA CYS A 287 9.04 -2.09 16.21
C CYS A 287 9.64 -2.80 15.01
N ASP A 288 8.76 -3.44 14.24
CA ASP A 288 9.14 -4.08 12.98
C ASP A 288 9.91 -3.08 12.13
N ILE A 289 10.97 -3.56 11.49
CA ILE A 289 11.84 -2.70 10.70
C ILE A 289 11.05 -2.06 9.57
N ASP A 290 9.99 -2.73 9.09
CA ASP A 290 9.26 -2.20 7.94
C ASP A 290 8.52 -0.91 8.27
N ILE A 291 8.12 -0.69 9.52
CA ILE A 291 7.33 0.51 9.84
C ILE A 291 8.15 1.67 10.40
N ARG A 292 9.40 1.43 10.80
CA ARG A 292 10.16 2.48 11.48
C ARG A 292 10.26 3.75 10.62
N LYS A 293 10.41 3.60 9.31
CA LYS A 293 10.40 4.76 8.43
C LYS A 293 9.16 5.59 8.66
N ASP A 294 8.00 4.93 8.72
CA ASP A 294 6.78 5.67 8.98
C ASP A 294 6.79 6.31 10.36
N LEU A 295 7.33 5.60 11.36
CA LEU A 295 7.25 6.16 12.70
C LEU A 295 8.11 7.42 12.80
N TYR A 296 9.30 7.39 12.22
CA TYR A 296 10.16 8.59 12.18
C TYR A 296 9.44 9.69 11.42
N ALA A 297 8.68 9.34 10.37
CA ALA A 297 7.98 10.37 9.63
C ALA A 297 6.75 10.92 10.35
N ASN A 298 6.17 10.19 11.27
CA ASN A 298 4.96 10.64 11.96
C ASN A 298 5.18 10.50 13.46
N ASN A 299 5.76 11.52 14.04
CA ASN A 299 6.09 11.49 15.46
C ASN A 299 5.27 12.62 16.12
N VAL A 300 4.13 12.27 16.70
CA VAL A 300 3.20 13.26 17.24
C VAL A 300 3.35 13.40 18.76
N MET A 301 3.25 14.65 19.21
CA MET A 301 3.37 15.01 20.60
C MET A 301 2.03 15.44 21.15
N SER A 302 1.67 14.87 22.28
CA SER A 302 0.42 15.19 22.95
C SER A 302 0.69 15.26 24.46
N GLY A 303 -0.19 15.98 25.16
CA GLY A 303 -0.09 16.15 26.60
C GLY A 303 0.30 17.56 27.00
N GLY A 304 0.04 17.87 28.28
CA GLY A 304 0.29 19.21 28.76
C GLY A 304 1.77 19.53 28.85
N THR A 305 2.59 18.53 29.14
CA THR A 305 4.01 18.78 29.25
C THR A 305 4.72 18.78 27.90
N THR A 306 4.04 18.51 26.79
CA THR A 306 4.71 18.81 25.54
C THR A 306 4.41 20.24 25.11
N MET A 307 4.01 21.13 26.03
CA MET A 307 3.68 22.45 25.53
C MET A 307 4.82 23.44 25.52
N TYR A 308 5.95 23.14 26.17
CA TYR A 308 7.03 24.13 26.21
C TYR A 308 7.45 24.48 24.79
N PRO A 309 7.79 25.73 24.53
CA PRO A 309 8.21 26.13 23.19
C PRO A 309 9.56 25.54 22.84
N GLY A 310 9.75 25.30 21.55
CA GLY A 310 11.03 24.78 21.12
C GLY A 310 11.33 23.40 21.61
N ILE A 311 10.33 22.67 22.10
CA ILE A 311 10.58 21.29 22.44
C ILE A 311 10.59 20.46 21.17
N ALA A 312 9.86 20.88 20.14
CA ALA A 312 9.90 20.12 18.89
C ALA A 312 11.28 20.19 18.22
N ASP A 313 11.89 21.38 18.15
CA ASP A 313 13.21 21.49 17.52
C ASP A 313 14.22 20.63 18.26
N ARG A 314 14.19 20.68 19.58
CA ARG A 314 15.13 19.89 20.35
C ARG A 314 14.90 18.41 20.06
N MET A 315 13.64 18.00 19.99
CA MET A 315 13.35 16.60 19.76
C MET A 315 13.88 16.15 18.41
N GLN A 316 13.69 16.98 17.38
CA GLN A 316 14.23 16.65 16.07
C GLN A 316 15.74 16.51 16.12
N LYS A 317 16.43 17.43 16.79
CA LYS A 317 17.88 17.32 16.91
C LYS A 317 18.28 15.98 17.50
N GLU A 318 17.80 15.69 18.72
CA GLU A 318 18.28 14.52 19.46
C GLU A 318 17.93 13.20 18.76
N ILE A 319 16.77 13.14 18.11
CA ILE A 319 16.38 11.96 17.35
C ILE A 319 17.25 11.82 16.10
N THR A 320 17.55 12.93 15.41
CA THR A 320 18.45 12.82 14.26
C THR A 320 19.82 12.31 14.68
N ALA A 321 20.30 12.71 15.85
CA ALA A 321 21.56 12.17 16.33
C ALA A 321 21.45 10.69 16.66
N LEU A 322 20.28 10.24 17.11
CA LEU A 322 20.15 8.83 17.42
C LEU A 322 19.96 7.96 16.19
N ALA A 323 19.19 8.45 15.23
CA ALA A 323 18.84 7.64 14.08
C ALA A 323 19.90 7.76 12.98
N PRO A 324 19.90 6.82 12.03
CA PRO A 324 20.84 6.91 10.90
C PRO A 324 20.73 8.21 10.11
N SER A 325 21.82 8.52 9.40
CA SER A 325 21.95 9.82 8.74
C SER A 325 20.89 10.05 7.67
N THR A 326 20.37 8.99 7.09
CA THR A 326 19.52 9.09 5.93
C THR A 326 18.03 9.02 6.25
N MET A 327 17.64 9.11 7.53
CA MET A 327 16.23 8.98 7.88
C MET A 327 15.54 10.33 7.84
N LYS A 328 14.29 10.34 7.35
CA LYS A 328 13.42 11.52 7.37
C LYS A 328 12.68 11.53 8.71
N ILE A 329 13.04 12.48 9.57
CA ILE A 329 12.49 12.60 10.92
C ILE A 329 11.52 13.77 10.93
N LYS A 330 10.34 13.59 11.47
CA LYS A 330 9.45 14.74 11.49
C LYS A 330 8.72 14.74 12.82
N ILE A 331 8.72 15.90 13.48
CA ILE A 331 8.16 16.03 14.81
C ILE A 331 6.91 16.88 14.70
N ILE A 332 5.79 16.34 15.13
CA ILE A 332 4.51 17.02 14.99
C ILE A 332 4.07 17.48 16.37
N ALA A 333 3.80 18.78 16.51
CA ALA A 333 3.39 19.31 17.80
C ALA A 333 2.12 20.10 17.59
N PRO A 334 0.98 19.43 17.51
CA PRO A 334 -0.27 20.12 17.17
C PRO A 334 -0.59 21.15 18.24
N PRO A 335 -1.15 22.29 17.85
CA PRO A 335 -1.34 23.39 18.79
C PRO A 335 -2.36 23.06 19.85
N GLU A 336 -3.27 22.16 19.56
CA GLU A 336 -4.28 21.82 20.54
C GLU A 336 -3.88 20.58 21.30
N ARG A 337 -2.58 20.38 21.49
CA ARG A 337 -2.15 19.12 22.05
C ARG A 337 -2.36 19.02 23.57
N LYS A 338 -2.42 20.17 24.28
CA LYS A 338 -2.73 20.13 25.71
C LYS A 338 -3.99 19.32 25.98
N TYR A 339 -4.96 19.37 25.07
CA TYR A 339 -6.19 18.61 25.16
C TYR A 339 -6.39 17.62 24.01
N SER A 340 -5.31 17.24 23.30
CA SER A 340 -5.48 16.48 22.06
C SER A 340 -6.26 15.20 22.30
N VAL A 341 -5.82 14.40 23.28
CA VAL A 341 -6.53 13.21 23.74
C VAL A 341 -8.01 13.50 23.76
N TRP A 342 -8.44 14.45 24.63
CA TRP A 342 -9.87 14.69 24.82
C TRP A 342 -10.54 15.03 23.50
N ILE A 343 -9.95 15.96 22.75
CA ILE A 343 -10.59 16.40 21.51
C ILE A 343 -10.81 15.23 20.57
N GLY A 344 -9.80 14.37 20.43
CA GLY A 344 -9.97 13.20 19.58
C GLY A 344 -11.15 12.38 20.03
N GLY A 345 -11.21 12.10 21.33
CA GLY A 345 -12.38 11.43 21.88
C GLY A 345 -13.66 12.13 21.50
N SER A 346 -13.69 13.46 21.65
CA SER A 346 -14.92 14.18 21.30
C SER A 346 -15.31 13.83 19.89
N ILE A 347 -14.35 13.98 18.95
CA ILE A 347 -14.61 13.70 17.54
C ILE A 347 -15.02 12.24 17.37
N LEU A 348 -14.34 11.33 18.06
CA LEU A 348 -14.71 9.93 17.90
C LEU A 348 -16.14 9.67 18.30
N ALA A 349 -16.58 10.20 19.45
CA ALA A 349 -17.95 9.95 19.87
C ALA A 349 -18.92 10.63 18.93
N SER A 350 -18.49 11.73 18.28
CA SER A 350 -19.38 12.41 17.35
C SER A 350 -19.67 11.54 16.16
N LEU A 351 -18.73 10.70 15.79
CA LEU A 351 -18.81 10.07 14.49
C LEU A 351 -20.06 9.22 14.40
N SER A 352 -20.69 9.22 13.20
CA SER A 352 -21.84 8.37 12.94
C SER A 352 -21.41 6.92 12.70
N THR A 353 -20.26 6.72 12.07
CA THR A 353 -19.73 5.37 11.93
C THR A 353 -19.45 4.75 13.30
N PHE A 354 -19.21 5.58 14.34
CA PHE A 354 -18.75 5.09 15.64
C PHE A 354 -19.80 4.26 16.35
N GLN A 355 -21.08 4.65 16.24
CA GLN A 355 -22.13 4.19 17.15
C GLN A 355 -22.26 2.67 17.22
N GLN A 356 -21.96 1.96 16.14
CA GLN A 356 -22.04 0.50 16.18
C GLN A 356 -21.10 -0.10 17.22
N MET A 357 -20.07 0.65 17.64
CA MET A 357 -19.04 0.20 18.56
C MET A 357 -19.35 0.47 20.02
N TRP A 358 -20.30 1.36 20.32
CA TRP A 358 -20.68 1.61 21.71
C TRP A 358 -21.10 0.30 22.36
N ILE A 359 -20.70 0.12 23.60
CA ILE A 359 -21.05 -1.08 24.35
C ILE A 359 -22.35 -0.82 25.09
N THR A 360 -23.41 -1.53 24.72
CA THR A 360 -24.72 -1.25 25.31
C THR A 360 -24.85 -1.93 26.68
N LYS A 361 -25.80 -1.43 27.47
CA LYS A 361 -26.05 -2.05 28.76
C LYS A 361 -26.53 -3.48 28.56
N GLN A 362 -27.37 -3.71 27.53
CA GLN A 362 -27.89 -5.04 27.24
C GLN A 362 -26.76 -6.03 27.04
N GLU A 363 -25.80 -5.67 26.18
CA GLU A 363 -24.65 -6.52 25.95
C GLU A 363 -23.86 -6.74 27.24
N TYR A 364 -23.82 -5.75 28.12
CA TYR A 364 -23.10 -5.94 29.37
C TYR A 364 -23.83 -6.94 30.28
N ASP A 365 -25.14 -6.76 30.48
CA ASP A 365 -25.88 -7.69 31.32
C ASP A 365 -25.74 -9.09 30.78
N GLU A 366 -25.76 -9.22 29.44
CA GLU A 366 -25.75 -10.54 28.83
C GLU A 366 -24.37 -11.17 28.89
N ALA A 367 -23.28 -10.40 28.67
CA ALA A 367 -21.97 -11.01 28.49
C ALA A 367 -20.93 -10.64 29.54
N GLY A 368 -21.25 -9.84 30.55
CA GLY A 368 -20.29 -9.53 31.60
C GLY A 368 -19.32 -8.47 31.13
N PRO A 369 -18.28 -8.16 31.93
CA PRO A 369 -17.40 -7.03 31.57
C PRO A 369 -16.33 -7.31 30.50
N SER A 370 -16.00 -8.56 30.21
CA SER A 370 -14.92 -8.79 29.25
C SER A 370 -15.27 -8.41 27.81
N ILE A 371 -16.55 -8.07 27.56
CA ILE A 371 -16.96 -7.58 26.26
C ILE A 371 -16.20 -6.29 25.94
N VAL A 372 -15.69 -5.60 26.97
CA VAL A 372 -15.02 -4.33 26.74
C VAL A 372 -13.78 -4.54 25.88
N HIS A 373 -13.21 -5.74 25.89
CA HIS A 373 -12.03 -5.95 25.07
C HIS A 373 -12.35 -5.91 23.58
N ARG A 374 -13.64 -6.08 23.21
CA ARG A 374 -14.11 -6.09 21.83
C ARG A 374 -14.79 -4.76 21.43
N THR B 7 -22.64 -6.11 -25.03
CA THR B 7 -21.85 -6.07 -23.80
C THR B 7 -20.38 -6.26 -24.10
N THR B 8 -19.53 -5.92 -23.13
CA THR B 8 -18.08 -6.05 -23.27
C THR B 8 -17.58 -7.25 -22.49
N ALA B 9 -16.72 -8.04 -23.12
CA ALA B 9 -16.18 -9.26 -22.55
C ALA B 9 -14.90 -8.97 -21.78
N LEU B 10 -14.56 -9.90 -20.87
CA LEU B 10 -13.42 -9.81 -19.98
C LEU B 10 -12.35 -10.82 -20.37
N VAL B 11 -11.09 -10.45 -20.16
CA VAL B 11 -9.97 -11.35 -20.40
C VAL B 11 -9.07 -11.41 -19.19
N CYS B 12 -8.71 -12.61 -18.78
CA CYS B 12 -7.88 -12.81 -17.60
C CYS B 12 -6.84 -13.89 -17.84
N ASP B 13 -5.57 -13.47 -17.93
CA ASP B 13 -4.41 -14.36 -18.04
C ASP B 13 -3.89 -14.60 -16.62
N ASN B 14 -4.09 -15.83 -16.13
CA ASN B 14 -3.69 -16.22 -14.79
C ASN B 14 -2.24 -16.64 -14.91
N GLY B 15 -1.36 -15.67 -14.89
CA GLY B 15 0.04 -15.97 -15.05
C GLY B 15 0.62 -16.53 -13.76
N SER B 16 1.79 -17.16 -13.90
CA SER B 16 2.40 -17.79 -12.75
C SER B 16 2.69 -16.79 -11.64
N GLY B 17 3.05 -15.57 -11.99
CA GLY B 17 3.48 -14.67 -10.94
C GLY B 17 2.69 -13.39 -10.91
N LEU B 18 2.05 -13.07 -12.03
CA LEU B 18 1.22 -11.89 -12.10
C LEU B 18 -0.05 -12.27 -12.82
N VAL B 19 -1.13 -11.63 -12.42
CA VAL B 19 -2.42 -11.73 -13.07
C VAL B 19 -2.52 -10.55 -14.00
N LYS B 20 -2.88 -10.82 -15.25
CA LYS B 20 -3.11 -9.76 -16.22
C LYS B 20 -4.57 -9.80 -16.68
N ALA B 21 -5.33 -8.78 -16.37
CA ALA B 21 -6.75 -8.78 -16.65
C ALA B 21 -7.18 -7.46 -17.25
N GLY B 22 -8.25 -7.52 -18.03
CA GLY B 22 -8.72 -6.32 -18.69
C GLY B 22 -9.91 -6.61 -19.54
N PHE B 23 -10.26 -5.62 -20.37
CA PHE B 23 -11.46 -5.75 -21.18
C PHE B 23 -11.11 -6.19 -22.58
N ALA B 24 -12.03 -6.91 -23.20
CA ALA B 24 -11.86 -7.25 -24.58
C ALA B 24 -11.90 -5.95 -25.37
N GLY B 25 -10.97 -5.78 -26.31
CA GLY B 25 -10.90 -4.58 -27.14
C GLY B 25 -9.77 -3.62 -26.79
N ASP B 26 -9.40 -3.51 -25.52
CA ASP B 26 -8.28 -2.65 -25.15
C ASP B 26 -6.95 -3.21 -25.69
N ASP B 27 -5.98 -2.34 -25.90
CA ASP B 27 -4.67 -2.74 -26.43
C ASP B 27 -3.68 -3.16 -25.35
N ALA B 28 -4.12 -3.29 -24.10
CA ALA B 28 -3.27 -3.65 -22.97
C ALA B 28 -4.09 -4.04 -21.76
N PRO B 29 -3.60 -4.92 -20.89
CA PRO B 29 -4.36 -5.31 -19.69
C PRO B 29 -4.42 -4.15 -18.70
N ARG B 30 -5.64 -3.75 -18.31
CA ARG B 30 -5.80 -2.61 -17.41
C ARG B 30 -5.26 -2.90 -16.02
N ALA B 31 -5.53 -4.11 -15.51
CA ALA B 31 -5.15 -4.51 -14.16
C ALA B 31 -4.01 -5.52 -14.25
N VAL B 32 -2.88 -5.20 -13.65
CA VAL B 32 -1.79 -6.18 -13.52
C VAL B 32 -1.32 -6.18 -12.08
N PHE B 33 -1.35 -7.35 -11.45
CA PHE B 33 -1.02 -7.39 -10.03
C PHE B 33 -0.48 -8.77 -9.68
N PRO B 34 0.25 -8.89 -8.57
CA PRO B 34 0.88 -10.18 -8.26
C PRO B 34 -0.15 -11.24 -7.90
N SER B 35 0.06 -12.43 -8.47
CA SER B 35 -0.82 -13.57 -8.23
C SER B 35 -0.30 -14.30 -6.99
N ILE B 36 -0.46 -13.64 -5.86
CA ILE B 36 0.08 -14.11 -4.59
C ILE B 36 -0.97 -13.92 -3.50
N VAL B 37 -1.04 -14.85 -2.55
CA VAL B 37 -1.97 -14.68 -1.44
C VAL B 37 -1.26 -14.98 -0.13
N GLY B 38 -1.39 -14.05 0.81
CA GLY B 38 -0.69 -14.13 2.09
C GLY B 38 -1.68 -14.29 3.24
N ARG B 39 -1.27 -15.06 4.23
CA ARG B 39 -2.07 -15.31 5.43
C ARG B 39 -1.25 -14.97 6.65
N PRO B 40 -1.86 -14.50 7.72
CA PRO B 40 -1.07 -14.17 8.91
C PRO B 40 -0.26 -15.36 9.38
N ARG B 41 0.97 -15.11 9.84
CA ARG B 41 1.83 -16.20 10.27
C ARG B 41 1.84 -16.40 11.77
N HIS B 42 1.23 -15.51 12.54
CA HIS B 42 1.23 -15.69 13.98
C HIS B 42 -0.17 -15.71 14.55
N GLN B 43 -1.18 -15.52 13.72
CA GLN B 43 -2.59 -15.79 14.03
C GLN B 43 -3.11 -14.86 15.11
N GLY B 44 -2.32 -14.59 16.14
CA GLY B 44 -2.62 -13.57 17.12
C GLY B 44 -2.69 -12.16 16.61
N VAL B 45 -2.48 -11.95 15.30
CA VAL B 45 -2.59 -10.61 14.72
C VAL B 45 -3.96 -10.38 14.08
N MET B 46 -4.77 -11.43 13.88
CA MET B 46 -6.15 -11.30 13.44
C MET B 46 -7.08 -10.96 14.58
N VAL B 47 -6.57 -11.00 15.81
CA VAL B 47 -7.29 -10.63 17.02
C VAL B 47 -6.92 -9.21 17.40
N GLY B 48 -5.77 -9.05 18.09
CA GLY B 48 -5.47 -7.82 18.79
C GLY B 48 -5.06 -6.67 17.90
N MET B 49 -4.40 -6.98 16.78
CA MET B 49 -4.01 -5.98 15.81
C MET B 49 -5.00 -5.91 14.64
N GLY B 50 -6.12 -6.63 14.73
CA GLY B 50 -7.26 -6.51 13.83
C GLY B 50 -7.06 -6.58 12.32
N GLN B 51 -6.42 -7.65 11.82
CA GLN B 51 -6.16 -7.90 10.41
C GLN B 51 -7.18 -8.88 9.82
N LYS B 52 -7.37 -8.79 8.51
CA LYS B 52 -8.26 -9.66 7.75
C LYS B 52 -7.57 -11.00 7.51
N ASP B 53 -8.37 -12.00 7.11
CA ASP B 53 -7.88 -13.38 7.08
C ASP B 53 -6.92 -13.68 5.93
N SER B 54 -6.88 -12.86 4.89
CA SER B 54 -6.05 -13.13 3.72
C SER B 54 -5.80 -11.83 2.99
N TYR B 55 -4.68 -11.78 2.26
CA TYR B 55 -4.34 -10.60 1.49
C TYR B 55 -4.00 -11.02 0.07
N VAL B 56 -4.19 -10.09 -0.87
CA VAL B 56 -4.03 -10.38 -2.29
C VAL B 56 -3.15 -9.34 -2.98
N GLY B 57 -2.16 -9.81 -3.71
CA GLY B 57 -1.51 -8.94 -4.66
C GLY B 57 -0.64 -7.94 -3.95
N ASP B 58 -0.81 -6.67 -4.33
CA ASP B 58 0.06 -5.61 -3.82
C ASP B 58 0.01 -5.54 -2.31
N GLU B 59 -1.20 -5.59 -1.74
CA GLU B 59 -1.34 -5.42 -0.30
C GLU B 59 -0.67 -6.56 0.45
N ALA B 60 -0.75 -7.79 -0.08
CA ALA B 60 -0.08 -8.90 0.56
C ALA B 60 1.43 -8.71 0.56
N GLN B 61 1.99 -8.38 -0.59
CA GLN B 61 3.43 -8.23 -0.71
C GLN B 61 3.95 -7.12 0.20
N SER B 62 3.20 -6.01 0.28
CA SER B 62 3.51 -4.93 1.21
C SER B 62 3.60 -5.42 2.64
N LYS B 63 2.63 -6.24 3.05
CA LYS B 63 2.54 -6.82 4.38
C LYS B 63 3.30 -8.14 4.49
N ARG B 64 4.17 -8.45 3.55
CA ARG B 64 5.16 -9.49 3.77
C ARG B 64 5.91 -9.19 5.06
N GLY B 65 6.17 -10.23 5.84
CA GLY B 65 6.76 -10.00 7.14
C GLY B 65 5.85 -10.34 8.30
N ILE B 66 4.56 -10.01 8.18
CA ILE B 66 3.57 -10.54 9.11
C ILE B 66 2.68 -11.59 8.45
N LEU B 67 2.97 -11.94 7.19
CA LEU B 67 2.21 -12.90 6.37
C LEU B 67 3.12 -13.95 5.74
N THR B 68 2.57 -15.16 5.62
CA THR B 68 3.11 -16.19 4.75
C THR B 68 2.46 -16.11 3.37
N LEU B 69 3.30 -15.88 2.37
CA LEU B 69 2.88 -15.66 0.99
C LEU B 69 2.96 -16.99 0.26
N LYS B 70 1.95 -17.32 -0.52
CA LYS B 70 1.92 -18.57 -1.26
C LYS B 70 1.47 -18.28 -2.69
N TYR B 71 1.98 -19.08 -3.61
CA TYR B 71 1.66 -18.89 -5.02
C TYR B 71 0.61 -19.89 -5.43
N PRO B 72 -0.63 -19.46 -5.70
CA PRO B 72 -1.63 -20.41 -6.16
C PRO B 72 -1.25 -21.00 -7.48
N ILE B 73 -0.57 -20.21 -8.31
CA ILE B 73 -0.19 -20.72 -9.62
C ILE B 73 1.33 -20.74 -9.72
N GLU B 74 2.01 -21.28 -8.72
CA GLU B 74 3.44 -21.33 -8.85
C GLU B 74 3.70 -22.32 -10.00
N HIC B 75 4.71 -22.07 -10.82
CA HIC B 75 4.98 -22.93 -11.96
C HIC B 75 3.83 -23.16 -12.98
O HIC B 75 3.74 -24.16 -13.69
CB HIC B 75 5.45 -24.36 -11.56
CG HIC B 75 6.54 -24.45 -10.56
ND1 HIC B 75 6.61 -25.41 -9.52
CD2 HIC B 75 7.67 -23.59 -10.46
CE1 HIC B 75 7.75 -25.14 -8.84
NE2 HIC B 75 8.44 -24.02 -9.36
CZ HIC B 75 9.68 -23.44 -8.90
N GLY B 76 2.91 -22.21 -13.08
CA GLY B 76 1.90 -22.25 -14.12
C GLY B 76 0.62 -23.09 -14.00
N ILE B 77 0.57 -24.01 -13.04
CA ILE B 77 -0.60 -24.86 -12.87
C ILE B 77 -1.22 -24.52 -11.52
N ILE B 78 -2.54 -24.27 -11.50
CA ILE B 78 -3.19 -23.84 -10.28
C ILE B 78 -3.26 -25.01 -9.32
N THR B 79 -2.88 -24.77 -8.07
CA THR B 79 -2.81 -25.83 -7.08
C THR B 79 -3.59 -25.51 -5.82
N ASN B 80 -4.25 -24.36 -5.72
CA ASN B 80 -5.00 -24.02 -4.52
C ASN B 80 -6.24 -23.26 -4.95
N TRP B 81 -7.41 -23.91 -4.89
CA TRP B 81 -8.61 -23.26 -5.43
C TRP B 81 -9.21 -22.23 -4.49
N ASP B 82 -8.92 -22.29 -3.19
CA ASP B 82 -9.35 -21.22 -2.30
C ASP B 82 -8.62 -19.91 -2.60
N ASP B 83 -7.29 -19.97 -2.72
CA ASP B 83 -6.53 -18.78 -3.07
C ASP B 83 -6.84 -18.30 -4.49
N MET B 84 -6.98 -19.23 -5.44
CA MET B 84 -7.33 -18.81 -6.80
C MET B 84 -8.67 -18.13 -6.81
N GLU B 85 -9.59 -18.56 -5.94
CA GLU B 85 -10.87 -17.88 -5.83
C GLU B 85 -10.70 -16.49 -5.27
N LYS B 86 -9.86 -16.35 -4.23
CA LYS B 86 -9.62 -15.01 -3.69
C LYS B 86 -9.08 -14.10 -4.78
N ILE B 87 -8.13 -14.61 -5.56
CA ILE B 87 -7.53 -13.85 -6.64
C ILE B 87 -8.59 -13.41 -7.64
N TRP B 88 -9.34 -14.37 -8.18
CA TRP B 88 -10.32 -14.03 -9.19
C TRP B 88 -11.38 -13.08 -8.68
N HIS B 89 -11.88 -13.31 -7.47
CA HIS B 89 -12.81 -12.39 -6.84
C HIS B 89 -12.22 -10.99 -6.80
N HIS B 90 -10.96 -10.88 -6.37
CA HIS B 90 -10.30 -9.59 -6.40
C HIS B 90 -10.27 -9.00 -7.81
N THR B 91 -9.93 -9.82 -8.82
CA THR B 91 -9.86 -9.33 -10.19
C THR B 91 -11.18 -8.74 -10.63
N PHE B 92 -12.26 -9.50 -10.47
CA PHE B 92 -13.56 -9.04 -10.93
C PHE B 92 -14.02 -7.86 -10.12
N TYR B 93 -14.10 -8.02 -8.81
CA TYR B 93 -14.77 -7.01 -8.02
C TYR B 93 -13.84 -5.87 -7.64
N ASN B 94 -12.63 -6.18 -7.18
CA ASN B 94 -11.78 -5.09 -6.73
C ASN B 94 -10.94 -4.50 -7.86
N GLU B 95 -10.33 -5.31 -8.73
CA GLU B 95 -9.45 -4.70 -9.72
C GLU B 95 -10.24 -4.12 -10.88
N LEU B 96 -11.16 -4.89 -11.44
CA LEU B 96 -11.87 -4.41 -12.62
C LEU B 96 -13.14 -3.64 -12.26
N ARG B 97 -13.72 -3.93 -11.09
CA ARG B 97 -14.93 -3.28 -10.57
C ARG B 97 -16.15 -3.56 -11.45
N VAL B 98 -16.34 -4.83 -11.76
CA VAL B 98 -17.46 -5.29 -12.57
C VAL B 98 -18.08 -6.50 -11.89
N ALA B 99 -19.30 -6.81 -12.25
CA ALA B 99 -19.92 -8.03 -11.77
C ALA B 99 -19.77 -9.07 -12.84
N PRO B 100 -19.10 -10.19 -12.57
CA PRO B 100 -18.84 -11.15 -13.63
C PRO B 100 -20.08 -11.77 -14.22
N GLU B 101 -21.24 -11.69 -13.56
CA GLU B 101 -22.41 -12.26 -14.21
C GLU B 101 -22.82 -11.50 -15.46
N GLU B 102 -22.26 -10.32 -15.72
CA GLU B 102 -22.64 -9.54 -16.89
C GLU B 102 -21.58 -9.54 -17.97
N HIS B 103 -20.49 -10.28 -17.80
CA HIS B 103 -19.41 -10.22 -18.74
C HIS B 103 -18.85 -11.63 -18.98
N PRO B 104 -18.79 -12.06 -20.22
CA PRO B 104 -18.09 -13.30 -20.55
C PRO B 104 -16.59 -13.18 -20.27
N THR B 105 -15.99 -14.28 -19.85
CA THR B 105 -14.65 -14.27 -19.29
C THR B 105 -13.75 -15.29 -19.98
N LEU B 106 -12.73 -14.81 -20.68
CA LEU B 106 -11.75 -15.68 -21.29
C LEU B 106 -10.58 -15.87 -20.34
N LEU B 107 -10.32 -17.11 -19.97
CA LEU B 107 -9.19 -17.44 -19.12
C LEU B 107 -8.08 -18.04 -19.96
N THR B 108 -6.87 -17.99 -19.43
CA THR B 108 -5.75 -18.67 -20.06
C THR B 108 -5.25 -19.77 -19.14
N GLU B 109 -4.67 -20.78 -19.74
CA GLU B 109 -4.15 -21.93 -19.03
C GLU B 109 -2.74 -22.23 -19.52
N ALA B 110 -1.95 -22.82 -18.65
CA ALA B 110 -0.62 -23.18 -19.08
C ALA B 110 -0.67 -24.40 -20.01
N PRO B 111 0.34 -24.53 -20.89
CA PRO B 111 0.50 -25.79 -21.61
C PRO B 111 0.63 -26.96 -20.65
N LEU B 112 0.14 -28.13 -21.09
CA LEU B 112 0.11 -29.36 -20.29
C LEU B 112 -0.73 -29.19 -19.01
N ASN B 113 -1.84 -28.41 -19.11
CA ASN B 113 -2.82 -28.26 -18.04
C ASN B 113 -3.69 -29.52 -17.95
N PRO B 114 -3.85 -30.12 -16.75
CA PRO B 114 -4.72 -31.30 -16.62
C PRO B 114 -6.18 -31.01 -16.94
N LYS B 115 -6.87 -32.03 -17.49
CA LYS B 115 -8.30 -31.87 -17.81
C LYS B 115 -9.09 -31.56 -16.54
N ALA B 116 -8.78 -32.24 -15.43
CA ALA B 116 -9.47 -31.95 -14.18
C ALA B 116 -9.25 -30.51 -13.74
N ASN B 117 -8.03 -29.99 -13.96
CA ASN B 117 -7.72 -28.62 -13.56
C ASN B 117 -8.60 -27.63 -14.32
N ARG B 118 -8.67 -27.79 -15.65
CA ARG B 118 -9.50 -26.90 -16.46
C ARG B 118 -10.99 -27.10 -16.16
N GLU B 119 -11.40 -28.33 -15.87
CA GLU B 119 -12.80 -28.57 -15.51
C GLU B 119 -13.17 -27.89 -14.21
N LYS B 120 -12.29 -27.94 -13.22
CA LYS B 120 -12.55 -27.25 -11.97
C LYS B 120 -12.55 -25.75 -12.18
N MET B 121 -11.63 -25.23 -12.99
CA MET B 121 -11.66 -23.81 -13.33
C MET B 121 -13.03 -23.43 -13.89
N THR B 122 -13.52 -24.24 -14.82
CA THR B 122 -14.82 -23.98 -15.45
C THR B 122 -15.93 -23.96 -14.41
N GLN B 123 -15.95 -25.02 -13.60
CA GLN B 123 -16.94 -25.17 -12.57
C GLN B 123 -16.96 -23.96 -11.66
N ILE B 124 -15.79 -23.52 -11.24
CA ILE B 124 -15.69 -22.40 -10.31
C ILE B 124 -16.21 -21.12 -10.96
N MET B 125 -15.83 -20.87 -12.22
CA MET B 125 -16.30 -19.66 -12.89
C MET B 125 -17.82 -19.60 -12.93
N PHE B 126 -18.44 -20.72 -13.33
CA PHE B 126 -19.89 -20.71 -13.51
C PHE B 126 -20.63 -20.75 -12.19
N GLU B 127 -20.22 -21.60 -11.26
CA GLU B 127 -20.99 -21.76 -10.05
C GLU B 127 -20.67 -20.69 -9.01
N THR B 128 -19.45 -20.15 -9.01
CA THR B 128 -19.07 -19.15 -8.02
C THR B 128 -19.15 -17.74 -8.54
N PHE B 129 -18.97 -17.52 -9.85
CA PHE B 129 -19.05 -16.18 -10.38
C PHE B 129 -20.19 -15.97 -11.37
N ASN B 130 -20.95 -17.01 -11.69
CA ASN B 130 -22.14 -16.84 -12.53
C ASN B 130 -21.83 -16.14 -13.85
N VAL B 131 -20.62 -16.36 -14.37
CA VAL B 131 -20.26 -15.78 -15.68
C VAL B 131 -21.28 -16.25 -16.71
N PRO B 132 -21.73 -15.39 -17.64
CA PRO B 132 -22.67 -15.89 -18.66
C PRO B 132 -22.03 -16.90 -19.59
N ALA B 133 -20.77 -16.68 -19.97
CA ALA B 133 -20.05 -17.54 -20.88
C ALA B 133 -18.56 -17.42 -20.62
N MET B 134 -17.82 -18.47 -20.95
CA MET B 134 -16.39 -18.45 -20.75
C MET B 134 -15.68 -19.35 -21.73
N TYR B 135 -14.43 -19.01 -22.03
CA TYR B 135 -13.56 -19.85 -22.84
C TYR B 135 -12.19 -19.89 -22.17
N VAL B 136 -11.55 -21.07 -22.24
CA VAL B 136 -10.18 -21.23 -21.77
C VAL B 136 -9.29 -21.47 -22.97
N ALA B 137 -8.26 -20.66 -23.09
CA ALA B 137 -7.29 -20.77 -24.16
C ALA B 137 -5.93 -21.07 -23.58
N ILE B 138 -5.03 -21.50 -24.46
CA ILE B 138 -3.67 -21.81 -24.09
C ILE B 138 -2.81 -20.59 -24.34
N GLN B 139 -2.03 -20.19 -23.34
CA GLN B 139 -1.30 -18.92 -23.39
C GLN B 139 -0.42 -18.81 -24.65
N ALA B 140 0.44 -19.81 -24.87
CA ALA B 140 1.30 -19.76 -26.04
C ALA B 140 0.52 -19.67 -27.35
N VAL B 141 -0.69 -20.24 -27.43
CA VAL B 141 -1.43 -20.18 -28.69
C VAL B 141 -1.87 -18.75 -28.97
N LEU B 142 -2.38 -18.05 -27.94
CA LEU B 142 -2.74 -16.65 -28.10
C LEU B 142 -1.52 -15.83 -28.48
N SER B 143 -0.37 -16.16 -27.91
CA SER B 143 0.85 -15.46 -28.31
C SER B 143 1.18 -15.70 -29.78
N LEU B 144 1.06 -16.94 -30.24
CA LEU B 144 1.36 -17.27 -31.63
C LEU B 144 0.46 -16.50 -32.58
N TYR B 145 -0.86 -16.59 -32.35
CA TYR B 145 -1.79 -15.85 -33.20
C TYR B 145 -1.47 -14.37 -33.23
N ALA B 146 -1.14 -13.77 -32.06
CA ALA B 146 -0.83 -12.35 -31.99
C ALA B 146 0.37 -11.97 -32.83
N SER B 147 1.32 -12.89 -33.01
CA SER B 147 2.47 -12.60 -33.85
C SER B 147 2.09 -12.49 -35.32
N GLY B 148 0.84 -12.77 -35.67
CA GLY B 148 0.43 -12.82 -37.04
C GLY B 148 0.55 -14.18 -37.69
N ARG B 149 0.77 -15.23 -36.91
CA ARG B 149 1.06 -16.56 -37.45
C ARG B 149 0.13 -17.59 -36.86
N THR B 150 0.00 -18.70 -37.58
CA THR B 150 -0.72 -19.86 -37.08
C THR B 150 0.16 -21.07 -36.88
N THR B 151 1.38 -21.06 -37.39
CA THR B 151 2.26 -22.18 -37.19
C THR B 151 3.61 -21.61 -36.78
N GLY B 152 4.20 -22.18 -35.73
CA GLY B 152 5.47 -21.70 -35.21
C GLY B 152 5.80 -22.42 -33.91
N ILE B 153 6.87 -21.97 -33.25
CA ILE B 153 7.24 -22.46 -31.92
C ILE B 153 7.52 -21.27 -31.00
N VAL B 154 6.82 -21.23 -29.87
CA VAL B 154 6.81 -20.11 -28.95
C VAL B 154 7.74 -20.42 -27.80
N LEU B 155 8.54 -19.45 -27.43
CA LEU B 155 9.29 -19.49 -26.19
C LEU B 155 8.61 -18.50 -25.26
N ASP B 156 7.89 -19.03 -24.22
CA ASP B 156 7.10 -18.26 -23.25
C ASP B 156 7.81 -18.35 -21.90
N SER B 157 8.54 -17.29 -21.53
CA SER B 157 9.25 -17.19 -20.26
C SER B 157 8.57 -16.15 -19.37
N GLY B 158 8.07 -16.58 -18.21
CA GLY B 158 7.28 -15.71 -17.39
C GLY B 158 7.86 -15.50 -16.02
N ASP B 159 7.04 -15.59 -14.98
CA ASP B 159 7.58 -15.37 -13.64
C ASP B 159 8.14 -16.60 -12.99
N GLY B 160 7.44 -17.73 -13.04
CA GLY B 160 7.93 -18.89 -12.29
C GLY B 160 8.20 -20.13 -13.14
N VAL B 161 7.80 -20.07 -14.41
CA VAL B 161 7.96 -21.20 -15.29
C VAL B 161 8.12 -20.73 -16.73
N THR B 162 8.89 -21.48 -17.50
CA THR B 162 9.15 -21.17 -18.89
C THR B 162 8.83 -22.37 -19.75
N HIS B 163 8.29 -22.12 -20.92
CA HIS B 163 7.80 -23.18 -21.78
C HIS B 163 8.34 -22.98 -23.19
N ASN B 164 8.66 -24.09 -23.84
CA ASN B 164 8.73 -24.17 -25.29
C ASN B 164 7.47 -24.86 -25.78
N VAL B 165 6.79 -24.26 -26.76
CA VAL B 165 5.56 -24.84 -27.28
C VAL B 165 5.53 -24.79 -28.81
N PRO B 166 5.53 -25.94 -29.49
CA PRO B 166 5.31 -25.92 -30.94
C PRO B 166 3.86 -26.18 -31.34
N ILE B 167 3.41 -25.43 -32.34
CA ILE B 167 2.02 -25.40 -32.80
C ILE B 167 2.02 -25.43 -34.32
N TYR B 168 1.24 -26.35 -34.91
CA TYR B 168 1.10 -26.46 -36.35
C TYR B 168 -0.37 -26.24 -36.71
N GLU B 169 -0.63 -25.19 -37.50
CA GLU B 169 -1.98 -24.87 -37.95
C GLU B 169 -2.96 -24.74 -36.78
N GLY B 170 -2.47 -24.15 -35.68
CA GLY B 170 -3.26 -23.78 -34.51
C GLY B 170 -3.38 -24.81 -33.40
N TYR B 171 -2.70 -25.95 -33.50
CA TYR B 171 -2.80 -27.00 -32.49
C TYR B 171 -1.43 -27.26 -31.86
N ALA B 172 -1.42 -27.32 -30.53
CA ALA B 172 -0.20 -27.61 -29.80
C ALA B 172 0.14 -29.09 -29.90
N LEU B 173 1.44 -29.39 -29.84
CA LEU B 173 1.95 -30.76 -29.96
C LEU B 173 2.45 -31.26 -28.61
N PRO B 174 1.59 -31.87 -27.79
CA PRO B 174 1.98 -32.19 -26.41
C PRO B 174 3.09 -33.20 -26.28
N HIS B 175 3.36 -34.03 -27.30
CA HIS B 175 4.50 -34.94 -27.18
C HIS B 175 5.80 -34.17 -27.14
N ALA B 176 5.82 -32.94 -27.68
CA ALA B 176 7.03 -32.14 -27.82
C ALA B 176 7.02 -30.85 -27.02
N ILE B 177 6.06 -30.67 -26.12
CA ILE B 177 5.98 -29.46 -25.32
C ILE B 177 6.97 -29.55 -24.16
N MET B 178 7.70 -28.46 -23.93
CA MET B 178 8.82 -28.44 -23.01
C MET B 178 8.56 -27.47 -21.87
N ARG B 179 8.81 -27.91 -20.65
CA ARG B 179 8.61 -27.10 -19.45
C ARG B 179 9.94 -27.03 -18.71
N LEU B 180 10.28 -25.85 -18.22
CA LEU B 180 11.52 -25.58 -17.50
C LEU B 180 11.21 -24.68 -16.31
N ASP B 181 11.59 -25.12 -15.10
CA ASP B 181 11.22 -24.41 -13.87
C ASP B 181 12.16 -23.29 -13.49
N LEU B 182 12.56 -22.51 -14.48
CA LEU B 182 13.40 -21.33 -14.31
C LEU B 182 12.74 -20.20 -15.10
N ALA B 183 12.65 -19.02 -14.48
CA ALA B 183 12.03 -17.87 -15.13
C ALA B 183 12.39 -16.62 -14.34
N GLY B 184 11.62 -15.55 -14.52
CA GLY B 184 11.98 -14.25 -13.96
C GLY B 184 12.23 -14.25 -12.48
N ARG B 185 11.42 -14.99 -11.71
CA ARG B 185 11.54 -14.94 -10.25
C ARG B 185 12.86 -15.52 -9.78
N ASP B 186 13.28 -16.63 -10.37
CA ASP B 186 14.57 -17.18 -10.01
C ASP B 186 15.68 -16.23 -10.43
N LEU B 187 15.51 -15.53 -11.55
CA LEU B 187 16.48 -14.54 -11.98
C LEU B 187 16.58 -13.37 -11.00
N THR B 188 15.45 -12.88 -10.50
CA THR B 188 15.50 -11.85 -9.46
C THR B 188 16.24 -12.37 -8.23
N ASP B 189 15.90 -13.59 -7.78
CA ASP B 189 16.61 -14.15 -6.65
C ASP B 189 18.11 -14.20 -6.89
N TYR B 190 18.52 -14.66 -8.09
CA TYR B 190 19.93 -14.78 -8.39
C TYR B 190 20.61 -13.42 -8.45
N LEU B 191 19.94 -12.42 -9.03
CA LEU B 191 20.52 -11.08 -9.04
C LEU B 191 20.71 -10.57 -7.61
N MET B 192 19.75 -10.87 -6.71
CA MET B 192 19.91 -10.50 -5.31
C MET B 192 21.12 -11.17 -4.67
N LYS B 193 21.28 -12.48 -4.92
CA LYS B 193 22.43 -13.20 -4.36
C LYS B 193 23.74 -12.58 -4.80
N ILE B 194 23.92 -12.41 -6.12
CA ILE B 194 25.20 -11.91 -6.62
C ILE B 194 25.40 -10.43 -6.29
N LEU B 195 24.33 -9.67 -6.06
CA LEU B 195 24.55 -8.32 -5.54
C LEU B 195 25.04 -8.39 -4.10
N THR B 196 24.40 -9.22 -3.26
CA THR B 196 24.82 -9.34 -1.87
C THR B 196 26.25 -9.81 -1.73
N GLU B 197 26.76 -10.46 -2.76
CA GLU B 197 28.15 -10.88 -2.85
C GLU B 197 29.08 -9.76 -3.24
N ARG B 198 28.61 -8.51 -3.31
CA ARG B 198 29.47 -7.37 -3.56
C ARG B 198 29.40 -6.34 -2.45
N GLY B 199 28.66 -6.62 -1.38
CA GLY B 199 28.53 -5.64 -0.33
C GLY B 199 27.11 -5.15 -0.15
N TYR B 200 26.38 -4.92 -1.24
CA TYR B 200 25.03 -4.39 -1.13
C TYR B 200 24.12 -5.35 -0.38
N SER B 201 23.20 -4.79 0.42
CA SER B 201 22.30 -5.63 1.20
C SER B 201 20.89 -5.11 1.04
N PHE B 202 19.94 -6.04 0.96
CA PHE B 202 18.55 -5.74 0.63
C PHE B 202 17.70 -6.54 1.59
N VAL B 203 17.31 -5.92 2.70
CA VAL B 203 16.60 -6.61 3.77
C VAL B 203 15.18 -6.07 4.00
N THR B 204 15.00 -4.75 4.00
CA THR B 204 13.67 -4.16 4.01
C THR B 204 12.86 -4.65 2.82
N THR B 205 11.55 -4.74 3.00
CA THR B 205 10.69 -5.10 1.88
C THR B 205 10.93 -4.19 0.68
N ALA B 206 11.12 -2.89 0.94
CA ALA B 206 11.44 -1.95 -0.13
C ALA B 206 12.71 -2.37 -0.87
N GLU B 207 13.78 -2.63 -0.10
CA GLU B 207 15.05 -3.02 -0.72
C GLU B 207 14.91 -4.30 -1.54
N ARG B 208 14.04 -5.24 -1.14
CA ARG B 208 13.87 -6.43 -1.95
C ARG B 208 13.12 -6.16 -3.24
N GLU B 209 12.15 -5.24 -3.24
CA GLU B 209 11.52 -4.89 -4.51
C GLU B 209 12.48 -4.08 -5.42
N ILE B 210 13.43 -3.36 -4.81
CA ILE B 210 14.43 -2.64 -5.59
C ILE B 210 15.14 -3.56 -6.57
N VAL B 211 15.43 -4.80 -6.15
CA VAL B 211 16.21 -5.71 -7.00
C VAL B 211 15.44 -6.09 -8.26
N ARG B 212 14.14 -6.39 -8.12
CA ARG B 212 13.30 -6.59 -9.29
C ARG B 212 13.38 -5.39 -10.24
N ASP B 213 13.38 -4.17 -9.66
CA ASP B 213 13.51 -2.99 -10.52
C ASP B 213 14.84 -2.94 -11.27
N ILE B 214 15.94 -3.25 -10.57
CA ILE B 214 17.26 -3.22 -11.19
C ILE B 214 17.29 -4.21 -12.36
N LYS B 215 16.79 -5.41 -12.13
CA LYS B 215 16.69 -6.38 -13.20
C LYS B 215 16.00 -5.77 -14.42
N GLU B 216 14.76 -5.32 -14.23
CA GLU B 216 13.95 -4.88 -15.37
C GLU B 216 14.52 -3.65 -16.09
N LYS B 217 15.35 -2.85 -15.40
CA LYS B 217 15.82 -1.58 -15.98
C LYS B 217 17.25 -1.65 -16.51
N LEU B 218 18.10 -2.45 -15.91
CA LEU B 218 19.51 -2.40 -16.23
C LEU B 218 20.05 -3.67 -16.86
N CYS B 219 19.45 -4.82 -16.56
CA CYS B 219 19.98 -6.07 -17.08
C CYS B 219 19.76 -6.18 -18.59
N TYR B 220 20.66 -6.94 -19.23
CA TYR B 220 20.69 -7.24 -20.67
C TYR B 220 21.40 -8.56 -20.89
N VAL B 221 21.19 -9.16 -22.07
CA VAL B 221 21.71 -10.49 -22.40
C VAL B 221 22.99 -10.35 -23.21
N ALA B 222 24.09 -10.92 -22.71
CA ALA B 222 25.37 -10.82 -23.40
C ALA B 222 25.33 -11.69 -24.65
N LEU B 223 25.88 -11.17 -25.75
CA LEU B 223 25.93 -11.97 -26.98
C LEU B 223 26.91 -13.13 -26.85
N ASP B 224 28.13 -12.85 -26.39
CA ASP B 224 29.10 -13.89 -26.11
C ASP B 224 29.55 -13.68 -24.68
N PHE B 225 29.26 -14.67 -23.85
CA PHE B 225 29.48 -14.46 -22.43
C PHE B 225 30.96 -14.24 -22.12
N GLU B 226 31.84 -14.92 -22.84
CA GLU B 226 33.25 -14.85 -22.52
C GLU B 226 33.82 -13.46 -22.75
N ASN B 227 33.59 -12.91 -23.94
CA ASN B 227 34.11 -11.59 -24.27
C ASN B 227 33.50 -10.52 -23.39
N GLU B 228 32.21 -10.63 -23.09
CA GLU B 228 31.57 -9.62 -22.27
C GLU B 228 32.07 -9.67 -20.82
N MET B 229 32.26 -10.87 -20.29
CA MET B 229 32.83 -11.00 -18.96
C MET B 229 34.24 -10.40 -18.93
N ALA B 230 35.02 -10.64 -19.99
CA ALA B 230 36.37 -10.07 -20.07
C ALA B 230 36.32 -8.55 -20.13
N THR B 231 35.41 -7.99 -20.94
CA THR B 231 35.31 -6.53 -21.06
C THR B 231 34.97 -5.87 -19.74
N ALA B 232 34.10 -6.50 -18.95
CA ALA B 232 33.78 -5.94 -17.64
C ALA B 232 34.94 -6.09 -16.68
N ALA B 233 35.75 -7.13 -16.86
CA ALA B 233 36.88 -7.29 -15.96
C ALA B 233 38.02 -6.32 -16.26
N SER B 234 38.20 -5.92 -17.52
CA SER B 234 39.34 -5.09 -17.87
C SER B 234 39.00 -3.62 -18.01
N SER B 235 37.72 -3.27 -17.98
CA SER B 235 37.37 -1.87 -18.08
C SER B 235 36.07 -1.65 -17.33
N SER B 236 35.70 -0.38 -17.28
CA SER B 236 34.49 0.07 -16.63
C SER B 236 33.45 0.55 -17.64
N SER B 237 33.66 0.25 -18.92
CA SER B 237 32.74 0.73 -19.96
C SER B 237 31.31 0.23 -19.73
N LEU B 238 31.16 -0.99 -19.22
CA LEU B 238 29.88 -1.69 -19.12
C LEU B 238 29.15 -1.43 -17.81
N GLU B 239 29.74 -0.68 -16.88
CA GLU B 239 29.07 -0.45 -15.62
C GLU B 239 27.95 0.57 -15.79
N LYS B 240 26.99 0.52 -14.88
CA LYS B 240 25.89 1.47 -14.94
C LYS B 240 25.35 1.64 -13.52
N SER B 241 24.78 2.80 -13.26
CA SER B 241 24.47 3.19 -11.89
C SER B 241 22.97 3.26 -11.67
N TYR B 242 22.55 2.88 -10.47
CA TYR B 242 21.15 2.82 -10.05
C TYR B 242 21.04 3.54 -8.73
N GLU B 243 20.16 4.53 -8.66
CA GLU B 243 20.08 5.34 -7.45
C GLU B 243 18.97 4.78 -6.58
N LEU B 244 19.33 4.41 -5.35
CA LEU B 244 18.36 3.95 -4.38
C LEU B 244 17.45 5.11 -3.97
N PRO B 245 16.40 4.84 -3.16
CA PRO B 245 15.59 5.96 -2.66
C PRO B 245 16.47 6.93 -1.90
N ASP B 246 17.14 6.41 -0.88
CA ASP B 246 17.87 7.19 0.11
C ASP B 246 19.12 7.90 -0.43
N GLY B 247 19.16 8.25 -1.72
CA GLY B 247 20.24 9.06 -2.25
C GLY B 247 21.59 8.38 -2.39
N GLN B 248 21.78 7.21 -1.79
CA GLN B 248 22.96 6.41 -2.07
C GLN B 248 22.82 5.81 -3.46
N VAL B 249 23.94 5.66 -4.14
CA VAL B 249 23.93 5.12 -5.49
C VAL B 249 24.70 3.81 -5.53
N ILE B 250 24.22 2.87 -6.34
CA ILE B 250 24.80 1.54 -6.50
C ILE B 250 25.41 1.43 -7.89
N THR B 251 26.61 0.86 -7.97
CA THR B 251 27.25 0.54 -9.24
C THR B 251 27.06 -0.93 -9.56
N ILE B 252 26.53 -1.25 -10.75
CA ILE B 252 26.38 -2.65 -11.15
C ILE B 252 27.09 -2.85 -12.48
N GLY B 253 27.84 -3.96 -12.56
CA GLY B 253 28.72 -4.22 -13.67
C GLY B 253 28.42 -5.53 -14.34
N ASN B 254 29.13 -6.61 -14.04
CA ASN B 254 28.86 -7.84 -14.77
C ASN B 254 27.49 -8.43 -14.42
N GLU B 255 26.94 -8.08 -13.27
CA GLU B 255 25.63 -8.62 -12.89
C GLU B 255 24.60 -8.38 -13.99
N ARG B 256 24.67 -7.21 -14.64
CA ARG B 256 23.69 -6.86 -15.68
C ARG B 256 23.49 -8.00 -16.67
N PHE B 257 24.57 -8.75 -16.99
CA PHE B 257 24.42 -9.86 -17.93
C PHE B 257 24.71 -11.22 -17.34
N ARG B 258 25.21 -11.31 -16.10
CA ARG B 258 25.30 -12.62 -15.46
C ARG B 258 23.93 -13.12 -15.05
N CYS B 259 23.07 -12.19 -14.62
CA CYS B 259 21.74 -12.56 -14.17
C CYS B 259 20.94 -13.27 -15.26
N PRO B 260 20.69 -12.67 -16.43
CA PRO B 260 19.88 -13.37 -17.43
C PRO B 260 20.59 -14.52 -18.11
N GLU B 261 21.91 -14.61 -18.00
CA GLU B 261 22.60 -15.73 -18.62
C GLU B 261 22.09 -17.06 -18.08
N THR B 262 21.56 -17.05 -16.85
CA THR B 262 20.99 -18.24 -16.24
C THR B 262 19.98 -18.91 -17.16
N LEU B 263 19.27 -18.10 -17.95
CA LEU B 263 18.38 -18.65 -18.98
C LEU B 263 19.13 -19.58 -19.92
N PHE B 264 20.38 -19.25 -20.22
CA PHE B 264 21.17 -20.11 -21.08
C PHE B 264 22.06 -21.07 -20.30
N GLN B 265 22.42 -20.75 -19.06
CA GLN B 265 23.25 -21.60 -18.24
C GLN B 265 22.59 -21.77 -16.87
N PRO B 266 21.56 -22.63 -16.79
CA PRO B 266 20.92 -22.87 -15.49
C PRO B 266 21.88 -23.32 -14.39
N SER B 267 23.06 -23.82 -14.76
CA SER B 267 24.09 -24.20 -13.79
C SER B 267 24.43 -23.07 -12.84
N PHE B 268 24.09 -21.84 -13.22
CA PHE B 268 24.37 -20.69 -12.36
C PHE B 268 23.61 -20.76 -11.05
N ILE B 269 22.39 -21.30 -11.02
CA ILE B 269 21.67 -21.33 -9.76
C ILE B 269 21.63 -22.76 -9.17
N GLY B 270 22.50 -23.65 -9.64
CA GLY B 270 22.45 -25.00 -9.13
C GLY B 270 21.36 -25.84 -9.76
N MET B 271 20.91 -25.48 -10.97
CA MET B 271 20.03 -26.37 -11.71
C MET B 271 20.84 -27.22 -12.68
N GLU B 272 20.56 -28.51 -12.65
CA GLU B 272 21.03 -29.42 -13.68
C GLU B 272 19.89 -29.44 -14.69
N SER B 273 20.05 -28.71 -15.77
CA SER B 273 19.03 -28.58 -16.80
C SER B 273 19.68 -27.89 -18.00
N ALA B 274 18.86 -27.56 -18.99
CA ALA B 274 19.31 -27.00 -20.25
C ALA B 274 18.84 -25.57 -20.40
N GLY B 275 19.65 -24.77 -21.11
CA GLY B 275 19.26 -23.40 -21.41
C GLY B 275 18.12 -23.33 -22.41
N ILE B 276 17.57 -22.11 -22.55
CA ILE B 276 16.37 -21.90 -23.37
C ILE B 276 16.65 -22.23 -24.84
N HIS B 277 17.87 -21.98 -25.32
CA HIS B 277 18.24 -22.38 -26.68
C HIS B 277 18.17 -23.89 -26.85
N GLU B 278 18.76 -24.63 -25.91
CA GLU B 278 18.76 -26.09 -25.97
C GLU B 278 17.35 -26.63 -25.94
N THR B 279 16.49 -26.08 -25.07
CA THR B 279 15.13 -26.57 -24.97
C THR B 279 14.34 -26.26 -26.24
N THR B 280 14.57 -25.09 -26.83
CA THR B 280 13.98 -24.83 -28.13
C THR B 280 14.41 -25.91 -29.13
N TYR B 281 15.71 -26.23 -29.15
CA TYR B 281 16.20 -27.25 -30.10
C TYR B 281 15.55 -28.61 -29.82
N ASN B 282 15.60 -29.08 -28.58
CA ASN B 282 15.05 -30.41 -28.26
C ASN B 282 13.56 -30.49 -28.57
N SER B 283 12.82 -29.41 -28.33
CA SER B 283 11.42 -29.40 -28.72
C SER B 283 11.27 -29.54 -30.23
N ILE B 284 11.96 -28.67 -31.00
CA ILE B 284 11.80 -28.71 -32.45
C ILE B 284 12.15 -30.09 -33.01
N MET B 285 13.21 -30.72 -32.50
CA MET B 285 13.57 -32.04 -33.02
C MET B 285 12.53 -33.09 -32.65
N LYS B 286 11.81 -32.88 -31.55
CA LYS B 286 10.72 -33.77 -31.14
C LYS B 286 9.42 -33.56 -31.92
N CYS B 287 9.43 -32.72 -32.95
CA CYS B 287 8.29 -32.49 -33.83
C CYS B 287 8.37 -33.32 -35.10
N ASP B 288 7.26 -33.30 -35.85
CA ASP B 288 7.20 -33.93 -37.15
C ASP B 288 8.38 -33.47 -37.99
N ILE B 289 8.98 -34.42 -38.70
CA ILE B 289 10.21 -34.13 -39.41
C ILE B 289 9.97 -33.14 -40.55
N ASP B 290 8.77 -33.16 -41.15
CA ASP B 290 8.45 -32.29 -42.29
C ASP B 290 8.27 -30.82 -41.90
N ILE B 291 7.84 -30.54 -40.65
CA ILE B 291 7.49 -29.18 -40.24
C ILE B 291 8.61 -28.45 -39.51
N ARG B 292 9.70 -29.12 -39.17
CA ARG B 292 10.77 -28.47 -38.42
C ARG B 292 11.28 -27.22 -39.13
N LYS B 293 11.36 -27.25 -40.47
CA LYS B 293 11.80 -26.05 -41.21
C LYS B 293 10.87 -24.86 -40.93
N ASP B 294 9.57 -25.11 -41.00
CA ASP B 294 8.61 -24.05 -40.75
C ASP B 294 8.74 -23.52 -39.32
N LEU B 295 9.04 -24.39 -38.36
CA LEU B 295 9.22 -23.96 -36.97
C LEU B 295 10.48 -23.12 -36.80
N TYR B 296 11.59 -23.55 -37.39
CA TYR B 296 12.84 -22.78 -37.33
C TYR B 296 12.67 -21.39 -37.89
N ALA B 297 11.86 -21.27 -38.95
CA ALA B 297 11.67 -19.98 -39.60
C ALA B 297 10.69 -19.07 -38.85
N ASN B 298 9.88 -19.60 -37.94
CA ASN B 298 8.87 -18.83 -37.19
C ASN B 298 9.04 -19.16 -35.71
N ASN B 299 9.88 -18.40 -35.02
CA ASN B 299 10.18 -18.64 -33.59
C ASN B 299 9.76 -17.42 -32.76
N VAL B 300 8.59 -17.47 -32.13
CA VAL B 300 8.05 -16.28 -31.46
C VAL B 300 8.40 -16.34 -29.99
N MET B 301 8.74 -15.20 -29.44
CA MET B 301 9.09 -15.06 -28.04
C MET B 301 8.01 -14.28 -27.32
N SER B 302 7.53 -14.82 -26.22
CA SER B 302 6.52 -14.12 -25.46
C SER B 302 6.84 -14.26 -23.99
N GLY B 303 6.29 -13.37 -23.20
CA GLY B 303 6.50 -13.38 -21.76
C GLY B 303 7.36 -12.23 -21.28
N GLY B 304 7.30 -12.02 -19.98
CA GLY B 304 8.04 -10.91 -19.41
C GLY B 304 9.53 -11.12 -19.42
N THR B 305 9.98 -12.37 -19.32
CA THR B 305 11.40 -12.67 -19.25
C THR B 305 12.08 -12.69 -20.62
N THR B 306 11.31 -12.52 -21.72
CA THR B 306 11.93 -12.31 -23.03
C THR B 306 12.11 -10.83 -23.36
N MET B 307 12.12 -9.97 -22.35
CA MET B 307 12.21 -8.54 -22.60
C MET B 307 13.63 -7.97 -22.48
N TYR B 308 14.59 -8.76 -22.03
CA TYR B 308 15.95 -8.26 -21.92
C TYR B 308 16.44 -7.84 -23.30
N PRO B 309 17.12 -6.70 -23.41
CA PRO B 309 17.63 -6.31 -24.71
C PRO B 309 18.70 -7.27 -25.16
N GLY B 310 18.78 -7.45 -26.47
CA GLY B 310 19.77 -8.35 -27.04
C GLY B 310 19.54 -9.82 -26.76
N ILE B 311 18.34 -10.23 -26.34
CA ILE B 311 18.05 -11.65 -26.16
C ILE B 311 17.67 -12.31 -27.49
N ALA B 312 17.07 -11.57 -28.42
CA ALA B 312 16.76 -12.14 -29.71
C ALA B 312 18.03 -12.58 -30.43
N ASP B 313 19.06 -11.74 -30.37
CA ASP B 313 20.34 -12.02 -31.03
C ASP B 313 20.97 -13.29 -30.45
N ARG B 314 21.05 -13.37 -29.12
CA ARG B 314 21.70 -14.50 -28.46
C ARG B 314 20.96 -15.80 -28.78
N MET B 315 19.63 -15.75 -28.78
CA MET B 315 18.88 -16.95 -29.05
C MET B 315 19.13 -17.41 -30.47
N GLN B 316 19.13 -16.48 -31.42
CA GLN B 316 19.43 -16.87 -32.80
C GLN B 316 20.82 -17.50 -32.90
N LYS B 317 21.83 -16.90 -32.23
CA LYS B 317 23.19 -17.43 -32.26
C LYS B 317 23.24 -18.87 -31.77
N GLU B 318 22.78 -19.10 -30.56
CA GLU B 318 22.89 -20.43 -29.98
C GLU B 318 22.06 -21.43 -30.78
N ILE B 319 20.92 -20.99 -31.34
CA ILE B 319 20.07 -21.88 -32.13
C ILE B 319 20.70 -22.24 -33.46
N THR B 320 21.22 -21.24 -34.18
CA THR B 320 21.89 -21.52 -35.44
C THR B 320 23.11 -22.42 -35.22
N ALA B 321 23.81 -22.24 -34.11
CA ALA B 321 24.88 -23.17 -33.78
C ALA B 321 24.32 -24.57 -33.58
N LEU B 322 23.08 -24.68 -33.12
CA LEU B 322 22.47 -26.02 -32.94
C LEU B 322 21.90 -26.61 -34.24
N ALA B 323 21.30 -25.79 -35.11
CA ALA B 323 20.54 -26.32 -36.24
C ALA B 323 21.44 -26.70 -37.43
N PRO B 324 20.91 -27.48 -38.39
CA PRO B 324 21.68 -27.79 -39.60
C PRO B 324 22.04 -26.54 -40.41
N SER B 325 23.16 -26.65 -41.14
CA SER B 325 23.79 -25.47 -41.77
C SER B 325 22.91 -24.79 -42.79
N THR B 326 21.95 -25.50 -43.35
CA THR B 326 21.15 -25.03 -44.46
C THR B 326 19.80 -24.47 -44.02
N MET B 327 19.64 -24.18 -42.74
CA MET B 327 18.35 -23.72 -42.22
C MET B 327 18.22 -22.21 -42.31
N LYS B 328 17.03 -21.76 -42.71
CA LYS B 328 16.70 -20.34 -42.66
C LYS B 328 16.01 -20.11 -41.32
N ILE B 329 16.74 -19.53 -40.36
CA ILE B 329 16.25 -19.34 -38.99
C ILE B 329 15.93 -17.87 -38.74
N LYS B 330 14.77 -17.62 -38.12
CA LYS B 330 14.32 -16.28 -37.80
C LYS B 330 13.66 -16.27 -36.44
N ILE B 331 14.01 -15.30 -35.61
CA ILE B 331 13.45 -15.20 -34.26
C ILE B 331 12.54 -13.98 -34.20
N ILE B 332 11.33 -14.19 -33.72
CA ILE B 332 10.30 -13.17 -33.72
C ILE B 332 10.13 -12.67 -32.29
N ALA B 333 10.42 -11.39 -32.08
CA ALA B 333 10.30 -10.76 -30.77
C ALA B 333 9.58 -9.44 -30.94
N PRO B 334 8.25 -9.47 -31.07
CA PRO B 334 7.49 -8.24 -31.27
C PRO B 334 7.53 -7.37 -30.02
N PRO B 335 7.48 -6.05 -30.19
CA PRO B 335 7.66 -5.13 -29.03
C PRO B 335 6.59 -5.31 -27.97
N GLU B 336 5.46 -5.92 -28.33
CA GLU B 336 4.34 -6.15 -27.44
C GLU B 336 4.37 -7.55 -26.84
N ARG B 337 5.55 -8.16 -26.72
CA ARG B 337 5.54 -9.57 -26.38
C ARG B 337 5.33 -9.81 -24.89
N LYS B 338 5.71 -8.84 -24.03
CA LYS B 338 5.50 -9.05 -22.59
C LYS B 338 4.06 -9.47 -22.28
N TYR B 339 3.08 -8.90 -22.97
CA TYR B 339 1.69 -9.28 -22.73
C TYR B 339 1.00 -9.88 -23.94
N SER B 340 1.74 -10.44 -24.91
CA SER B 340 1.08 -10.89 -26.14
C SER B 340 -0.09 -11.83 -25.82
N VAL B 341 0.12 -12.79 -24.92
CA VAL B 341 -0.95 -13.65 -24.43
C VAL B 341 -2.23 -12.85 -24.20
N TRP B 342 -2.18 -11.90 -23.26
CA TRP B 342 -3.38 -11.14 -22.96
C TRP B 342 -3.92 -10.44 -24.20
N ILE B 343 -3.02 -9.83 -24.99
CA ILE B 343 -3.46 -9.16 -26.21
C ILE B 343 -4.26 -10.11 -27.07
N GLY B 344 -3.76 -11.33 -27.23
CA GLY B 344 -4.49 -12.31 -28.03
C GLY B 344 -5.90 -12.50 -27.54
N GLY B 345 -6.07 -12.74 -26.24
CA GLY B 345 -7.41 -12.84 -25.70
C GLY B 345 -8.25 -11.63 -26.05
N SER B 346 -7.71 -10.43 -25.82
CA SER B 346 -8.47 -9.21 -26.08
C SER B 346 -8.92 -9.18 -27.54
N ILE B 347 -8.00 -9.49 -28.46
CA ILE B 347 -8.38 -9.54 -29.86
C ILE B 347 -9.41 -10.64 -30.09
N LEU B 348 -9.09 -11.85 -29.62
CA LEU B 348 -9.90 -13.01 -29.98
C LEU B 348 -11.31 -12.86 -29.46
N ALA B 349 -11.48 -12.39 -28.22
CA ALA B 349 -12.81 -12.23 -27.65
C ALA B 349 -13.63 -11.18 -28.38
N SER B 350 -12.98 -10.19 -29.00
CA SER B 350 -13.71 -9.17 -29.75
C SER B 350 -14.15 -9.68 -31.13
N LEU B 351 -13.44 -10.66 -31.71
CA LEU B 351 -13.68 -11.12 -33.08
C LEU B 351 -15.09 -11.69 -33.29
N SER B 352 -15.59 -11.54 -34.53
CA SER B 352 -16.89 -12.07 -34.91
C SER B 352 -16.87 -13.58 -35.06
N THR B 353 -15.80 -14.14 -35.64
CA THR B 353 -15.72 -15.59 -35.78
C THR B 353 -15.68 -16.30 -34.43
N PHE B 354 -15.13 -15.64 -33.39
CA PHE B 354 -14.92 -16.31 -32.12
C PHE B 354 -16.24 -16.58 -31.39
N GLN B 355 -17.23 -15.69 -31.53
CA GLN B 355 -18.44 -15.70 -30.69
C GLN B 355 -19.15 -17.06 -30.71
N GLN B 356 -19.03 -17.79 -31.82
CA GLN B 356 -19.60 -19.13 -31.95
C GLN B 356 -18.95 -20.13 -30.99
N MET B 357 -17.74 -19.83 -30.52
CA MET B 357 -16.97 -20.72 -29.65
C MET B 357 -17.25 -20.50 -28.17
N TRP B 358 -17.85 -19.36 -27.81
CA TRP B 358 -18.16 -19.07 -26.42
C TRP B 358 -18.99 -20.20 -25.83
N ILE B 359 -18.62 -20.62 -24.62
CA ILE B 359 -19.33 -21.68 -23.92
C ILE B 359 -20.35 -21.04 -22.98
N THR B 360 -21.65 -21.21 -23.28
CA THR B 360 -22.69 -20.55 -22.49
C THR B 360 -23.03 -21.34 -21.22
N LYS B 361 -23.69 -20.66 -20.27
CA LYS B 361 -24.12 -21.37 -19.07
C LYS B 361 -25.11 -22.49 -19.41
N GLN B 362 -25.95 -22.26 -20.42
CA GLN B 362 -26.90 -23.27 -20.83
C GLN B 362 -26.19 -24.58 -21.15
N GLU B 363 -25.13 -24.51 -21.96
CA GLU B 363 -24.38 -25.70 -22.32
C GLU B 363 -23.73 -26.37 -21.11
N TYR B 364 -23.28 -25.58 -20.13
CA TYR B 364 -22.69 -26.15 -18.92
C TYR B 364 -23.74 -26.93 -18.13
N ASP B 365 -24.93 -26.34 -18.01
CA ASP B 365 -26.01 -27.03 -17.34
C ASP B 365 -26.36 -28.33 -18.05
N GLU B 366 -26.31 -28.33 -19.39
CA GLU B 366 -26.78 -29.48 -20.16
C GLU B 366 -25.78 -30.65 -20.09
N ALA B 367 -24.48 -30.37 -20.26
CA ALA B 367 -23.52 -31.44 -20.48
C ALA B 367 -22.44 -31.55 -19.42
N GLY B 368 -22.53 -30.77 -18.35
CA GLY B 368 -21.56 -30.85 -17.29
C GLY B 368 -20.30 -30.07 -17.65
N PRO B 369 -19.27 -30.18 -16.82
CA PRO B 369 -18.07 -29.35 -17.04
C PRO B 369 -17.19 -29.83 -18.18
N SER B 370 -17.38 -31.05 -18.66
CA SER B 370 -16.51 -31.57 -19.72
C SER B 370 -16.74 -30.91 -21.08
N ILE B 371 -17.72 -30.02 -21.20
CA ILE B 371 -17.99 -29.35 -22.47
C ILE B 371 -16.79 -28.53 -22.93
N VAL B 372 -15.95 -28.10 -21.97
CA VAL B 372 -14.83 -27.21 -22.28
C VAL B 372 -13.80 -27.87 -23.16
N HIS B 373 -13.66 -29.20 -23.08
CA HIS B 373 -12.72 -29.91 -23.93
C HIS B 373 -13.17 -29.88 -25.38
N ARG B 374 -14.48 -29.80 -25.61
CA ARG B 374 -15.08 -29.95 -26.94
C ARG B 374 -15.22 -28.61 -27.65
N LYS B 375 -14.13 -27.85 -27.70
CA LYS B 375 -14.14 -26.51 -28.29
C LYS B 375 -12.79 -26.21 -28.93
N CYS B 376 -12.84 -25.79 -30.19
CA CYS B 376 -11.66 -25.41 -30.96
C CYS B 376 -11.40 -23.91 -30.84
N PHE B 377 -10.21 -23.50 -31.23
CA PHE B 377 -9.79 -22.10 -31.07
C PHE B 377 -10.49 -21.15 -32.06
N LYS C 2 -8.88 -15.89 -54.75
CA LYS C 2 -9.57 -14.86 -53.98
C LYS C 2 -8.57 -14.02 -53.16
N LEU C 3 -8.88 -12.74 -52.95
CA LEU C 3 -8.04 -11.85 -52.15
C LEU C 3 -8.89 -10.97 -51.26
N PHE C 4 -8.52 -10.86 -49.98
CA PHE C 4 -9.26 -9.99 -49.08
C PHE C 4 -8.33 -9.17 -48.21
N LEU C 5 -8.49 -7.84 -48.25
CA LEU C 5 -7.98 -6.98 -47.20
C LEU C 5 -8.68 -7.36 -45.89
N ILE C 6 -8.02 -7.08 -44.78
CA ILE C 6 -8.60 -7.35 -43.47
C ILE C 6 -9.09 -6.03 -42.89
N VAL C 7 -10.35 -6.00 -42.49
CA VAL C 7 -10.99 -4.85 -41.86
C VAL C 7 -11.71 -5.35 -40.62
N LYS C 8 -11.53 -4.65 -39.49
CA LYS C 8 -12.01 -5.06 -38.18
C LYS C 8 -11.67 -6.54 -37.99
N GLY C 9 -12.67 -7.39 -38.09
CA GLY C 9 -12.42 -8.81 -38.07
C GLY C 9 -12.81 -9.46 -39.37
N GLU C 10 -13.67 -8.78 -40.13
CA GLU C 10 -14.23 -9.29 -41.37
C GLU C 10 -13.17 -9.24 -42.49
N LEU C 11 -13.53 -9.77 -43.67
CA LEU C 11 -12.66 -9.76 -44.85
C LEU C 11 -13.35 -8.98 -45.98
N LYS C 12 -12.72 -7.89 -46.44
CA LYS C 12 -13.24 -7.10 -47.55
C LYS C 12 -12.56 -7.56 -48.84
N GLU C 13 -13.35 -7.97 -49.85
CA GLU C 13 -12.81 -8.59 -51.05
C GLU C 13 -12.19 -7.53 -51.95
N ILE C 14 -10.91 -7.70 -52.26
CA ILE C 14 -10.21 -6.91 -53.26
C ILE C 14 -9.78 -7.83 -54.39
N LYS C 15 -9.84 -7.31 -55.61
CA LYS C 15 -9.40 -8.03 -56.79
C LYS C 15 -8.41 -7.20 -57.59
N LYS C 16 -7.71 -6.25 -56.95
CA LYS C 16 -6.80 -5.35 -57.66
C LYS C 16 -5.33 -5.47 -57.24
N ASN C 17 -5.01 -6.25 -56.20
CA ASN C 17 -3.61 -6.57 -55.82
C ASN C 17 -2.78 -5.32 -55.53
N ILE C 18 -3.41 -4.25 -55.05
CA ILE C 18 -2.72 -3.03 -54.62
C ILE C 18 -2.32 -3.26 -53.17
N PHE C 19 -1.16 -3.88 -52.95
CA PHE C 19 -0.78 -4.26 -51.60
C PHE C 19 -0.32 -3.05 -50.80
N SER C 20 -0.77 -2.95 -49.55
CA SER C 20 -0.45 -1.85 -48.65
C SER C 20 0.40 -2.34 -47.48
N SER C 21 1.13 -1.38 -46.90
CA SER C 21 2.17 -1.67 -45.92
C SER C 21 1.69 -1.57 -44.46
N GLY C 22 0.55 -0.93 -44.20
CA GLY C 22 0.05 -0.86 -42.83
C GLY C 22 -1.16 -1.73 -42.53
N ASP C 23 -1.31 -2.84 -43.27
CA ASP C 23 -2.50 -3.69 -43.21
C ASP C 23 -2.09 -5.15 -43.31
N VAL C 24 -3.08 -6.01 -43.48
CA VAL C 24 -2.88 -7.45 -43.67
C VAL C 24 -3.90 -7.97 -44.66
N TYR C 25 -3.44 -8.82 -45.58
CA TYR C 25 -4.29 -9.41 -46.61
C TYR C 25 -4.26 -10.93 -46.53
N LEU C 26 -5.43 -11.54 -46.68
CA LEU C 26 -5.56 -12.99 -46.74
C LEU C 26 -5.84 -13.38 -48.17
N LEU C 27 -4.94 -14.19 -48.73
CA LEU C 27 -5.07 -14.72 -50.09
C LEU C 27 -5.50 -16.18 -50.01
N ASP C 28 -6.53 -16.51 -50.79
CA ASP C 28 -7.18 -17.82 -50.72
C ASP C 28 -6.82 -18.63 -51.96
N ALA C 29 -5.97 -19.64 -51.75
CA ALA C 29 -5.76 -20.74 -52.67
C ALA C 29 -6.21 -22.02 -51.99
N ASP C 30 -6.90 -22.89 -52.74
CA ASP C 30 -7.76 -23.92 -52.15
C ASP C 30 -7.04 -24.77 -51.10
N LYS C 31 -5.80 -25.17 -51.37
CA LYS C 31 -5.08 -26.06 -50.46
C LYS C 31 -3.99 -25.35 -49.64
N THR C 32 -3.73 -24.07 -49.90
CA THR C 32 -2.79 -23.31 -49.12
C THR C 32 -3.31 -21.90 -48.94
N ILE C 33 -3.42 -21.45 -47.69
CA ILE C 33 -3.94 -20.12 -47.35
C ILE C 33 -2.76 -19.21 -47.00
N TYR C 34 -2.61 -18.11 -47.73
CA TYR C 34 -1.56 -17.15 -47.46
C TYR C 34 -2.12 -16.00 -46.63
N VAL C 35 -1.30 -15.53 -45.68
CA VAL C 35 -1.60 -14.31 -44.92
C VAL C 35 -0.36 -13.44 -44.92
N TRP C 36 -0.53 -12.20 -45.35
CA TRP C 36 0.58 -11.28 -45.57
C TRP C 36 0.37 -10.12 -44.63
N ILE C 37 1.39 -9.87 -43.80
CA ILE C 37 1.33 -8.90 -42.71
C ILE C 37 2.24 -7.74 -43.04
N GLY C 38 1.65 -6.55 -43.17
CA GLY C 38 2.43 -5.38 -43.52
C GLY C 38 3.49 -5.10 -42.48
N ASN C 39 4.59 -4.48 -42.94
CA ASN C 39 5.64 -4.12 -42.00
C ASN C 39 5.26 -2.95 -41.09
N LYS C 40 4.10 -2.30 -41.32
CA LYS C 40 3.73 -1.13 -40.52
C LYS C 40 2.30 -1.20 -39.98
N CYS C 41 1.67 -2.37 -40.02
CA CYS C 41 0.33 -2.54 -39.50
C CYS C 41 0.33 -2.66 -37.98
N SER C 42 -0.83 -2.99 -37.44
CA SER C 42 -1.09 -3.15 -36.03
C SER C 42 -1.37 -4.62 -35.69
N VAL C 43 -1.42 -4.92 -34.38
CA VAL C 43 -1.51 -6.31 -33.95
C VAL C 43 -2.82 -6.93 -34.37
N ASP C 44 -3.94 -6.27 -34.04
CA ASP C 44 -5.25 -6.77 -34.45
C ASP C 44 -5.28 -7.21 -35.90
N GLU C 45 -4.71 -6.39 -36.80
CA GLU C 45 -4.62 -6.76 -38.20
C GLU C 45 -3.78 -8.01 -38.39
N LYS C 46 -2.70 -8.17 -37.62
CA LYS C 46 -1.87 -9.38 -37.72
C LYS C 46 -2.66 -10.60 -37.27
N THR C 47 -3.29 -10.51 -36.10
CA THR C 47 -3.83 -11.67 -35.43
C THR C 47 -5.17 -12.08 -36.02
N THR C 48 -5.94 -11.12 -36.56
CA THR C 48 -7.17 -11.46 -37.27
C THR C 48 -6.89 -12.28 -38.52
N GLY C 49 -5.80 -11.99 -39.22
CA GLY C 49 -5.38 -12.85 -40.32
C GLY C 49 -5.17 -14.29 -39.87
N ALA C 50 -4.36 -14.46 -38.82
CA ALA C 50 -4.02 -15.79 -38.35
C ALA C 50 -5.22 -16.50 -37.75
N ALA C 51 -6.19 -15.76 -37.25
CA ALA C 51 -7.42 -16.39 -36.78
C ALA C 51 -8.29 -16.81 -37.96
N GLN C 52 -8.50 -15.91 -38.93
CA GLN C 52 -9.36 -16.22 -40.05
C GLN C 52 -8.84 -17.43 -40.81
N ALA C 53 -7.52 -17.52 -40.98
CA ALA C 53 -6.94 -18.65 -41.70
C ALA C 53 -7.27 -19.98 -41.01
N ARG C 54 -7.28 -19.99 -39.67
CA ARG C 54 -7.62 -21.22 -38.96
C ARG C 54 -9.10 -21.57 -39.09
N THR C 55 -9.99 -20.57 -39.08
CA THR C 55 -11.40 -20.85 -39.34
C THR C 55 -11.59 -21.42 -40.75
N LEU C 56 -10.82 -20.91 -41.72
CA LEU C 56 -10.94 -21.39 -43.09
C LEU C 56 -10.43 -22.82 -43.23
N ASP C 57 -9.26 -23.11 -42.65
CA ASP C 57 -8.73 -24.47 -42.70
C ASP C 57 -9.61 -25.44 -41.92
N GLN C 58 -10.27 -24.98 -40.84
CA GLN C 58 -11.21 -25.82 -40.11
C GLN C 58 -12.44 -26.15 -40.95
N GLN C 59 -13.02 -25.16 -41.64
CA GLN C 59 -14.10 -25.45 -42.58
C GLN C 59 -13.66 -26.49 -43.61
N ARG C 60 -12.44 -26.38 -44.11
CA ARG C 60 -11.94 -27.24 -45.17
C ARG C 60 -11.44 -28.58 -44.64
N GLY C 61 -12.24 -29.24 -43.81
CA GLY C 61 -11.91 -30.57 -43.32
C GLY C 61 -10.58 -30.69 -42.60
N GLY C 62 -9.61 -29.85 -42.96
CA GLY C 62 -8.35 -29.73 -42.26
C GLY C 62 -7.16 -30.21 -43.04
N ALA C 63 -7.22 -30.12 -44.37
CA ALA C 63 -6.13 -30.57 -45.22
C ALA C 63 -5.37 -29.43 -45.89
N ALA C 64 -5.73 -28.17 -45.61
CA ALA C 64 -5.00 -27.05 -46.19
C ALA C 64 -3.82 -26.65 -45.31
N LYS C 65 -2.80 -26.06 -45.93
CA LYS C 65 -1.60 -25.61 -45.24
C LYS C 65 -1.59 -24.09 -45.18
N ILE C 66 -1.34 -23.53 -43.98
CA ILE C 66 -1.40 -22.08 -43.79
C ILE C 66 0.01 -21.49 -43.78
N ILE C 67 0.23 -20.54 -44.67
CA ILE C 67 1.56 -20.04 -44.97
C ILE C 67 1.61 -18.60 -44.48
N THR C 68 2.19 -18.36 -43.32
CA THR C 68 2.37 -16.99 -42.88
C THR C 68 3.61 -16.43 -43.55
N ILE C 69 3.52 -15.18 -44.00
CA ILE C 69 4.63 -14.55 -44.73
C ILE C 69 4.73 -13.08 -44.33
N ASP C 70 5.86 -12.69 -43.74
CA ASP C 70 6.12 -11.29 -43.43
C ASP C 70 6.50 -10.49 -44.67
N GLN C 71 6.10 -9.23 -44.68
CA GLN C 71 6.39 -8.34 -45.80
C GLN C 71 7.88 -8.30 -46.10
N GLY C 72 8.20 -8.22 -47.40
CA GLY C 72 9.58 -8.16 -47.84
C GLY C 72 10.21 -9.52 -47.97
N PHE C 73 9.63 -10.53 -47.29
CA PHE C 73 10.14 -11.89 -47.29
C PHE C 73 9.32 -12.85 -48.16
N GLU C 74 8.55 -12.33 -49.13
CA GLU C 74 7.67 -13.20 -49.92
C GLU C 74 8.46 -14.32 -50.60
N THR C 75 7.91 -15.53 -50.53
CA THR C 75 8.47 -16.65 -51.24
C THR C 75 8.03 -16.63 -52.69
N LYS C 76 8.90 -17.14 -53.56
CA LYS C 76 8.61 -17.19 -54.99
C LYS C 76 7.28 -17.86 -55.24
N ASP C 77 7.07 -19.04 -54.63
CA ASP C 77 5.80 -19.74 -54.73
C ASP C 77 4.63 -18.79 -54.58
N PHE C 78 4.70 -17.89 -53.60
CA PHE C 78 3.63 -16.94 -53.33
C PHE C 78 3.60 -15.82 -54.38
N LEU C 79 4.74 -15.16 -54.57
CA LEU C 79 4.80 -14.01 -55.48
C LEU C 79 4.35 -14.38 -56.88
N LYS C 80 4.45 -15.66 -57.26
CA LYS C 80 4.05 -16.05 -58.61
C LYS C 80 2.54 -16.21 -58.74
N LEU C 81 1.79 -15.98 -57.65
CA LEU C 81 0.33 -15.97 -57.71
C LEU C 81 -0.23 -14.57 -57.92
N ILE C 82 0.47 -13.54 -57.47
CA ILE C 82 0.01 -12.15 -57.67
C ILE C 82 0.48 -11.60 -59.00
N ALA C 83 1.79 -11.76 -59.31
CA ALA C 83 2.46 -10.97 -60.34
C ALA C 83 2.57 -11.73 -61.66
N PRO C 84 2.18 -11.13 -62.80
CA PRO C 84 2.66 -11.60 -64.11
C PRO C 84 4.02 -10.97 -64.43
N LYS C 89 6.84 -5.92 -58.04
CA LYS C 89 6.68 -5.31 -56.71
C LYS C 89 5.56 -4.27 -56.69
N ILE C 90 4.37 -4.63 -56.23
CA ILE C 90 3.31 -3.64 -55.99
C ILE C 90 3.00 -3.62 -54.50
N VAL C 91 3.62 -2.67 -53.78
CA VAL C 91 3.41 -2.48 -52.35
C VAL C 91 3.23 -1.00 -52.08
N GLU C 92 2.02 -0.60 -51.72
CA GLU C 92 1.65 0.78 -51.45
C GLU C 92 1.93 1.15 -50.00
N LYS C 93 1.76 2.43 -49.69
CA LYS C 93 1.87 2.91 -48.32
C LYS C 93 0.59 3.65 -47.96
N ASN C 94 -0.27 2.98 -47.20
CA ASN C 94 -1.47 3.53 -46.57
C ASN C 94 -2.05 2.42 -45.70
N TYR C 95 -3.24 2.63 -45.11
CA TYR C 95 -3.79 1.56 -44.27
C TYR C 95 -5.32 1.48 -44.37
N ALA C 96 -5.83 0.37 -43.83
CA ALA C 96 -7.21 0.21 -43.35
C ALA C 96 -7.19 0.18 -41.83
N LYS C 97 -8.17 0.83 -41.21
CA LYS C 97 -8.12 1.27 -39.81
C LYS C 97 -7.98 0.07 -38.83
N THR C 98 -7.88 0.39 -37.54
CA THR C 98 -7.79 -0.57 -36.45
C THR C 98 -9.08 -0.65 -35.64
N LEU C 99 -9.24 -1.78 -34.93
CA LEU C 99 -10.39 -1.96 -34.05
C LEU C 99 -10.05 -1.77 -32.58
N LEU C 100 -8.79 -1.81 -32.20
CA LEU C 100 -8.44 -1.69 -30.80
C LEU C 100 -8.73 -0.27 -30.31
N VAL C 101 -8.81 -0.12 -29.00
CA VAL C 101 -8.77 1.19 -28.37
C VAL C 101 -7.45 1.30 -27.64
N ASP C 102 -6.58 2.21 -28.08
CA ASP C 102 -5.27 2.33 -27.48
C ASP C 102 -5.42 2.92 -26.08
N VAL C 103 -5.13 2.10 -25.08
CA VAL C 103 -5.08 2.53 -23.69
C VAL C 103 -3.62 2.61 -23.27
N SER C 104 -3.37 3.41 -22.25
CA SER C 104 -2.13 3.32 -21.49
C SER C 104 -2.48 2.80 -20.10
N THR C 105 -1.55 2.15 -19.42
CA THR C 105 -1.95 1.43 -18.23
C THR C 105 -1.00 1.71 -17.07
N GLY C 106 -1.36 1.23 -15.89
CA GLY C 106 -0.52 1.39 -14.73
C GLY C 106 -1.01 0.54 -13.57
N ASP C 107 -0.51 0.88 -12.37
CA ASP C 107 -0.72 0.12 -11.12
C ASP C 107 -2.18 0.05 -10.69
N TRP C 108 -3.01 0.96 -11.23
CA TRP C 108 -4.44 0.90 -11.05
C TRP C 108 -5.15 0.95 -12.40
N ALA C 109 -6.28 0.25 -12.48
CA ALA C 109 -6.99 0.06 -13.73
C ALA C 109 -7.70 1.33 -14.20
N GLY C 110 -7.80 2.35 -13.37
CA GLY C 110 -8.38 3.59 -13.82
C GLY C 110 -7.38 4.46 -14.53
N PHE C 111 -6.25 3.91 -14.94
CA PHE C 111 -5.11 4.74 -15.34
C PHE C 111 -5.36 5.62 -16.55
N ASN C 112 -5.55 5.05 -17.75
CA ASN C 112 -5.37 5.87 -18.95
C ASN C 112 -6.29 7.08 -18.99
N GLU C 113 -7.31 7.09 -18.15
CA GLU C 113 -8.27 8.18 -18.03
C GLU C 113 -8.08 8.99 -16.74
N TRP C 114 -7.03 8.70 -15.97
CA TRP C 114 -6.87 9.33 -14.67
C TRP C 114 -6.52 10.79 -14.81
N LYS C 115 -7.32 11.63 -14.17
CA LYS C 115 -6.94 12.99 -13.84
C LYS C 115 -6.78 13.08 -12.32
N ASN C 116 -5.63 13.58 -11.86
CA ASN C 116 -5.44 13.84 -10.44
C ASN C 116 -6.48 14.83 -9.94
N ILE C 117 -6.96 14.61 -8.72
CA ILE C 117 -8.03 15.43 -8.12
C ILE C 117 -7.48 16.18 -6.91
N LEU C 118 -8.04 17.36 -6.66
CA LEU C 118 -7.77 18.07 -5.43
C LEU C 118 -9.07 18.44 -4.74
N TYR C 119 -9.25 18.00 -3.51
CA TYR C 119 -10.45 18.27 -2.73
C TYR C 119 -10.12 19.18 -1.55
N ARG C 120 -11.12 19.98 -1.16
CA ARG C 120 -11.05 20.82 0.02
C ARG C 120 -12.03 20.32 1.06
N ALA C 121 -11.62 20.42 2.34
CA ALA C 121 -12.44 20.08 3.49
C ALA C 121 -12.44 21.26 4.46
N SER C 122 -13.65 21.77 4.78
CA SER C 122 -13.91 22.94 5.62
C SER C 122 -15.11 22.70 6.52
N SER C 123 -14.90 22.77 7.84
CA SER C 123 -15.99 22.61 8.80
C SER C 123 -16.76 23.91 9.05
N GLU C 124 -16.26 25.02 8.52
CA GLU C 124 -16.91 26.31 8.69
C GLU C 124 -18.36 26.31 8.21
N GLU C 125 -18.69 25.48 7.20
CA GLU C 125 -20.00 25.51 6.57
C GLU C 125 -21.03 24.56 7.18
N PHE C 126 -20.60 23.49 7.86
CA PHE C 126 -21.52 22.50 8.38
C PHE C 126 -21.19 22.28 9.84
N ASP C 127 -22.13 21.72 10.60
CA ASP C 127 -21.85 21.42 12.00
C ASP C 127 -21.75 19.91 12.21
N GLY C 128 -20.67 19.49 12.84
CA GLY C 128 -20.42 18.08 13.06
C GLY C 128 -19.61 17.49 11.92
N ILE C 129 -18.86 16.44 12.26
CA ILE C 129 -18.10 15.75 11.22
C ILE C 129 -19.04 15.13 10.20
N ASN C 130 -20.07 14.43 10.67
CA ASN C 130 -20.86 13.59 9.76
C ASN C 130 -21.53 14.43 8.70
N SER C 131 -21.86 15.69 9.04
CA SER C 131 -22.45 16.63 8.11
C SER C 131 -21.45 17.14 7.07
N MET C 132 -20.16 17.10 7.38
CA MET C 132 -19.19 17.68 6.48
C MET C 132 -19.12 16.91 5.18
N LYS C 133 -18.69 17.63 4.15
CA LYS C 133 -18.56 17.11 2.80
C LYS C 133 -17.25 17.64 2.24
N MET C 134 -16.77 16.99 1.21
CA MET C 134 -15.53 17.40 0.58
C MET C 134 -15.81 17.81 -0.85
N VAL C 135 -15.27 18.95 -1.26
CA VAL C 135 -15.62 19.52 -2.56
C VAL C 135 -14.37 19.61 -3.44
N GLN C 136 -14.49 19.08 -4.65
CA GLN C 136 -13.41 19.22 -5.62
C GLN C 136 -13.17 20.71 -5.90
N VAL C 137 -11.93 21.13 -5.83
CA VAL C 137 -11.57 22.47 -6.29
C VAL C 137 -10.58 22.31 -7.43
N GLY C 138 -10.08 23.40 -7.99
CA GLY C 138 -9.21 23.27 -9.15
C GLY C 138 -7.83 22.77 -8.75
N PHE C 139 -7.26 21.88 -9.57
CA PHE C 139 -5.96 21.26 -9.28
C PHE C 139 -4.85 22.29 -9.55
N ASN C 140 -4.59 23.11 -8.54
CA ASN C 140 -3.66 24.22 -8.68
C ASN C 140 -3.41 24.84 -7.32
N LYS C 141 -2.17 25.30 -7.11
CA LYS C 141 -1.83 26.04 -5.91
C LYS C 141 -2.81 27.19 -5.66
N SER C 142 -3.32 27.80 -6.72
CA SER C 142 -4.23 28.92 -6.57
C SER C 142 -5.50 28.56 -5.80
N SER C 143 -5.77 27.27 -5.59
CA SER C 143 -6.99 26.87 -4.90
C SER C 143 -6.78 26.58 -3.42
N LEU C 144 -5.56 26.80 -2.91
CA LEU C 144 -5.22 26.48 -1.53
C LEU C 144 -5.45 27.69 -0.65
N ASP C 145 -6.36 27.57 0.31
CA ASP C 145 -6.45 28.48 1.44
C ASP C 145 -5.70 27.90 2.62
N SER C 146 -5.61 28.66 3.70
CA SER C 146 -4.97 28.17 4.91
C SER C 146 -5.92 27.98 6.06
N GLU C 147 -7.17 28.43 5.94
CA GLU C 147 -8.16 28.25 7.00
C GLU C 147 -8.67 26.82 7.07
N ASP C 148 -8.38 25.99 6.06
CA ASP C 148 -8.93 24.64 5.93
C ASP C 148 -7.88 23.71 5.31
N CYS C 149 -8.31 22.45 5.05
CA CYS C 149 -7.37 21.41 4.63
C CYS C 149 -7.68 20.89 3.24
N PHE C 150 -6.72 20.19 2.64
CA PHE C 150 -6.86 19.72 1.28
C PHE C 150 -6.28 18.33 1.13
N VAL C 151 -6.79 17.62 0.12
CA VAL C 151 -6.39 16.26 -0.17
C VAL C 151 -6.21 16.09 -1.68
N ALA C 152 -5.05 15.60 -2.09
CA ALA C 152 -4.75 15.41 -3.51
C ALA C 152 -4.71 13.92 -3.81
N ASP C 153 -5.63 13.47 -4.66
CA ASP C 153 -5.67 12.10 -5.13
C ASP C 153 -4.81 12.03 -6.39
N LEU C 154 -3.70 11.32 -6.30
CA LEU C 154 -2.75 11.15 -7.39
C LEU C 154 -2.79 9.79 -8.05
N GLY C 155 -3.66 8.89 -7.58
CA GLY C 155 -3.78 7.56 -8.15
C GLY C 155 -2.76 6.60 -7.57
N ASN C 156 -1.49 6.80 -7.96
CA ASN C 156 -0.39 6.19 -7.25
C ASN C 156 -0.45 6.49 -5.75
N LYS C 157 -0.53 7.76 -5.38
CA LYS C 157 -0.35 8.21 -4.01
C LYS C 157 -1.53 9.07 -3.60
N VAL C 158 -1.59 9.44 -2.31
CA VAL C 158 -2.52 10.45 -1.81
C VAL C 158 -1.77 11.42 -0.89
N TYR C 159 -1.77 12.71 -1.24
CA TYR C 159 -1.13 13.71 -0.40
C TYR C 159 -2.18 14.45 0.41
N ILE C 160 -1.81 14.85 1.62
CA ILE C 160 -2.66 15.67 2.47
C ILE C 160 -1.92 16.94 2.83
N TRP C 161 -2.61 18.07 2.73
CA TRP C 161 -2.05 19.37 3.08
C TRP C 161 -2.91 19.98 4.17
N GLN C 162 -2.31 20.18 5.33
CA GLN C 162 -2.96 20.73 6.51
C GLN C 162 -2.58 22.20 6.62
N GLY C 163 -3.57 23.10 6.52
CA GLY C 163 -3.29 24.51 6.76
C GLY C 163 -2.98 24.79 8.22
N LYS C 164 -2.09 25.76 8.48
CA LYS C 164 -1.79 26.15 9.86
C LYS C 164 -3.01 26.74 10.57
N SER C 165 -3.93 27.33 9.81
CA SER C 165 -5.11 27.98 10.36
C SER C 165 -6.35 27.11 10.24
N SER C 166 -6.19 25.80 10.33
CA SER C 166 -7.34 24.91 10.26
C SER C 166 -7.61 24.37 11.66
N THR C 167 -8.62 23.51 11.76
CA THR C 167 -9.00 22.91 13.03
C THR C 167 -8.91 21.41 12.96
N VAL C 168 -8.96 20.82 14.15
CA VAL C 168 -8.89 19.37 14.29
C VAL C 168 -9.90 18.72 13.35
N LYS C 169 -11.18 19.15 13.42
CA LYS C 169 -12.22 18.51 12.61
C LYS C 169 -11.83 18.47 11.14
N GLU C 170 -11.20 19.53 10.63
CA GLU C 170 -10.81 19.56 9.22
C GLU C 170 -9.74 18.50 8.91
N ARG C 171 -8.72 18.38 9.76
CA ARG C 171 -7.70 17.37 9.53
C ARG C 171 -8.25 15.95 9.72
N VAL C 172 -9.21 15.77 10.62
CA VAL C 172 -9.83 14.45 10.77
C VAL C 172 -10.57 14.07 9.49
N LYS C 173 -11.28 15.02 8.89
CA LYS C 173 -11.94 14.72 7.61
C LYS C 173 -10.92 14.43 6.52
N ALA C 174 -9.83 15.20 6.49
CA ALA C 174 -8.80 14.97 5.48
C ALA C 174 -8.24 13.56 5.57
N GLY C 175 -7.86 13.16 6.79
CA GLY C 175 -7.45 11.78 7.00
C GLY C 175 -8.52 10.77 6.60
N GLN C 176 -9.77 10.98 7.07
CA GLN C 176 -10.85 10.05 6.73
C GLN C 176 -10.93 9.87 5.23
N TRP C 177 -10.93 10.98 4.50
CA TRP C 177 -11.13 10.96 3.07
C TRP C 177 -9.96 10.27 2.38
N ALA C 178 -8.74 10.53 2.84
CA ALA C 178 -7.58 9.90 2.21
C ALA C 178 -7.55 8.39 2.48
N ARG C 179 -7.94 7.99 3.68
CA ARG C 179 -7.98 6.57 3.96
C ARG C 179 -9.11 5.93 3.18
N SER C 180 -10.22 6.67 2.96
CA SER C 180 -11.32 6.14 2.15
C SER C 180 -10.88 5.89 0.72
N ILE C 181 -10.16 6.85 0.15
CA ILE C 181 -9.62 6.68 -1.20
C ILE C 181 -8.79 5.41 -1.27
N ASP C 182 -7.92 5.19 -0.25
CA ASP C 182 -7.08 3.99 -0.26
C ASP C 182 -7.96 2.75 -0.28
N TYR C 183 -8.97 2.73 0.60
CA TYR C 183 -9.87 1.59 0.75
C TYR C 183 -10.54 1.22 -0.57
N ASP C 184 -11.15 2.21 -1.24
CA ASP C 184 -12.01 1.94 -2.38
C ASP C 184 -11.27 1.68 -3.69
N ARG C 185 -9.93 1.63 -3.70
CA ARG C 185 -9.13 1.48 -4.93
C ARG C 185 -8.08 0.41 -4.72
N ALA C 186 -8.10 -0.65 -5.53
CA ALA C 186 -7.26 -1.81 -5.22
C ALA C 186 -5.78 -1.42 -5.20
N GLY C 187 -4.96 -2.26 -4.57
CA GLY C 187 -3.56 -1.94 -4.34
C GLY C 187 -3.46 -0.84 -3.30
N LEU C 188 -2.25 -0.62 -2.79
CA LEU C 188 -2.10 0.35 -1.72
C LEU C 188 -1.77 1.74 -2.28
N GLN C 189 -2.41 2.75 -1.72
CA GLN C 189 -2.26 4.15 -2.11
C GLN C 189 -1.83 4.89 -0.85
N GLN C 190 -0.52 5.02 -0.64
CA GLN C 190 -0.03 5.51 0.64
C GLN C 190 -0.40 6.96 0.89
N GLU C 191 -0.81 7.24 2.11
CA GLU C 191 -1.23 8.57 2.55
C GLU C 191 -0.01 9.29 3.11
N THR C 192 0.28 10.50 2.60
CA THR C 192 1.40 11.32 3.08
C THR C 192 0.90 12.72 3.47
N ILE C 193 1.12 13.09 4.74
CA ILE C 193 0.59 14.34 5.29
C ILE C 193 1.69 15.39 5.21
N PHE C 194 1.37 16.54 4.62
CA PHE C 194 2.28 17.67 4.55
C PHE C 194 1.73 18.76 5.41
N GLU C 195 2.52 19.25 6.37
CA GLU C 195 2.11 20.44 7.13
C GLU C 195 2.49 21.71 6.33
N GLU C 196 1.62 22.72 6.39
CA GLU C 196 1.89 23.98 5.67
C GLU C 196 3.17 24.60 6.15
N GLY C 197 4.15 24.75 5.27
CA GLY C 197 5.41 25.20 5.77
C GLY C 197 6.57 24.38 5.28
N ASP C 198 6.59 23.05 5.50
CA ASP C 198 7.54 22.23 4.74
C ASP C 198 6.83 21.46 3.63
N ASP C 199 6.01 22.15 2.85
CA ASP C 199 5.11 21.54 1.89
C ASP C 199 5.69 21.52 0.48
N ILE C 200 7.00 21.36 0.34
CA ILE C 200 7.61 21.53 -0.98
C ILE C 200 7.03 20.53 -1.97
N GLU C 201 7.07 19.25 -1.64
CA GLU C 201 6.60 18.21 -2.55
C GLU C 201 5.13 18.34 -2.88
N PHE C 202 4.32 18.81 -1.92
CA PHE C 202 2.89 18.96 -2.17
C PHE C 202 2.65 19.99 -3.26
N MET C 203 3.21 21.20 -3.09
CA MET C 203 3.06 22.19 -4.14
C MET C 203 3.72 21.71 -5.42
N ALA C 204 4.82 20.96 -5.30
CA ALA C 204 5.47 20.43 -6.49
C ALA C 204 4.54 19.52 -7.28
N ALA C 205 3.63 18.81 -6.60
CA ALA C 205 2.70 17.93 -7.28
C ALA C 205 1.62 18.71 -8.00
N LEU C 206 1.07 19.74 -7.37
CA LEU C 206 0.20 20.64 -8.11
C LEU C 206 0.93 21.22 -9.32
N ASP C 207 2.22 21.48 -9.17
CA ASP C 207 3.02 21.99 -10.27
C ASP C 207 3.21 20.96 -11.36
N ARG C 208 3.09 19.68 -11.04
CA ARG C 208 3.12 18.69 -12.10
C ARG C 208 1.81 18.65 -12.85
N GLY C 209 0.81 19.40 -12.40
CA GLY C 209 -0.43 19.53 -13.12
C GLY C 209 -1.33 18.33 -12.93
N GLU C 210 -2.57 18.47 -13.40
CA GLU C 210 -3.56 17.43 -13.18
C GLU C 210 -3.38 16.24 -14.12
N ASN C 211 -2.71 16.41 -15.26
CA ASN C 211 -2.60 15.31 -16.22
C ASN C 211 -1.28 14.58 -16.11
N TYR C 212 -0.74 14.50 -14.91
CA TYR C 212 0.54 13.87 -14.67
C TYR C 212 0.35 12.57 -13.93
N LYS C 213 0.77 11.48 -14.54
CA LYS C 213 0.69 10.18 -13.92
C LYS C 213 1.92 9.40 -14.34
N GLU C 214 2.57 8.73 -13.41
CA GLU C 214 3.73 7.89 -13.70
C GLU C 214 3.29 6.44 -13.80
N SER C 215 3.92 5.67 -14.72
CA SER C 215 3.53 4.28 -14.90
C SER C 215 4.64 3.25 -15.09
N ASP C 216 5.89 3.66 -15.33
CA ASP C 216 6.85 2.75 -15.95
C ASP C 216 6.11 2.04 -17.08
N ALA C 217 6.07 0.70 -17.07
CA ALA C 217 5.25 -0.09 -17.98
C ALA C 217 5.25 0.44 -19.42
N VAL C 218 6.12 -0.11 -20.27
CA VAL C 218 6.36 0.39 -21.63
C VAL C 218 5.05 0.57 -22.41
N GLN C 219 4.75 1.80 -22.80
CA GLN C 219 3.50 2.08 -23.48
C GLN C 219 3.63 1.82 -24.96
N LEU C 220 2.54 1.36 -25.57
CA LEU C 220 2.55 1.00 -26.98
C LEU C 220 1.29 1.53 -27.63
N LYS C 221 1.33 1.65 -28.96
CA LYS C 221 0.34 2.37 -29.73
C LYS C 221 -0.31 1.44 -30.73
N ALA C 222 -1.63 1.50 -30.79
CA ALA C 222 -2.42 0.41 -31.36
C ALA C 222 -2.79 0.64 -32.83
N GLU C 223 -2.02 1.44 -33.56
CA GLU C 223 -2.40 1.80 -34.91
C GLU C 223 -1.16 1.94 -35.78
N SER C 224 -1.37 1.84 -37.10
CA SER C 224 -0.29 2.06 -38.04
C SER C 224 0.33 3.44 -37.82
N VAL C 225 1.55 3.62 -38.36
CA VAL C 225 2.34 4.79 -37.97
C VAL C 225 1.87 6.08 -38.68
N LEU C 226 1.24 5.98 -39.87
CA LEU C 226 0.73 7.15 -40.63
C LEU C 226 1.52 8.46 -40.45
PB ADP D . -2.70 14.24 32.40
O1B ADP D . -1.61 13.52 33.14
O2B ADP D . -3.34 13.47 31.24
O3B ADP D . -3.71 14.98 33.25
PA ADP D . -2.17 16.65 30.81
O1A ADP D . -3.35 17.48 31.23
O2A ADP D . -2.14 16.03 29.42
O3A ADP D . -1.77 15.43 31.82
O5' ADP D . -0.94 17.55 31.32
C5' ADP D . -0.98 18.11 32.64
C4' ADP D . 0.24 19.03 32.88
O4' ADP D . 0.42 19.94 31.81
C3' ADP D . 0.26 19.93 34.14
O3' ADP D . 1.38 19.55 34.96
C2' ADP D . 0.54 21.34 33.67
O2' ADP D . 1.48 22.04 34.50
C1' ADP D . 1.16 21.02 32.34
N9 ADP D . 1.07 22.11 31.39
C8 ADP D . -0.05 22.53 30.81
N7 ADP D . 0.24 23.55 29.98
C5 ADP D . 1.55 23.76 30.06
C6 ADP D . 2.45 24.69 29.42
N6 ADP D . 1.94 25.57 28.55
N1 ADP D . 3.76 24.60 29.74
C2 ADP D . 4.23 23.69 30.62
N3 ADP D . 3.43 22.80 31.24
C4 ADP D . 2.11 22.82 31.00
CA CA E . -3.26 12.24 29.43
CA CA F . -12.08 23.74 37.96
PB ADP G . 3.65 -14.96 -15.93
O1B ADP G . 4.01 -14.76 -14.49
O2B ADP G . 3.71 -16.43 -16.37
O3B ADP G . 2.45 -14.15 -16.37
PA ADP G . 4.88 -12.60 -17.05
O1A ADP G . 4.09 -11.93 -15.98
O2A ADP G . 4.47 -12.35 -18.48
O3A ADP G . 4.80 -14.20 -16.78
O5' ADP G . 6.45 -12.31 -16.76
C5' ADP G . 6.84 -11.77 -15.48
C4' ADP G . 8.35 -11.57 -15.24
O4' ADP G . 8.89 -10.71 -16.24
C3' ADP G . 8.68 -10.89 -13.91
O3' ADP G . 9.69 -11.65 -13.23
C2' ADP G . 9.24 -9.51 -14.26
O2' ADP G . 10.33 -9.09 -13.44
C1' ADP G . 9.78 -9.78 -15.63
N9 ADP G . 10.01 -8.55 -16.43
C8 ADP G . 9.17 -7.53 -16.69
N7 ADP G . 9.78 -6.58 -17.46
C5 ADP G . 11.06 -6.99 -17.70
C6 ADP G . 12.26 -6.48 -18.43
N6 ADP G . 12.30 -5.31 -19.11
N1 ADP G . 13.36 -7.27 -18.38
C2 ADP G . 13.39 -8.44 -17.72
N3 ADP G . 12.35 -8.97 -17.04
C4 ADP G . 11.19 -8.30 -17.00
CA CA H . 2.16 -15.87 -18.96
CA CA I . -3.90 -0.54 -40.50
CA CA J . -1.17 1.33 -25.35
CA CA K . -11.67 26.57 8.64
CA CA L . -6.21 0.14 -1.42
CA CA M . -4.58 -28.73 -42.13
CA CA N . -12.17 28.30 4.92
#